data_1VCC
# 
_entry.id   1VCC 
# 
_audit_conform.dict_name       mmcif_pdbx.dic 
_audit_conform.dict_version    5.386 
_audit_conform.dict_location   http://mmcif.pdb.org/dictionaries/ascii/mmcif_pdbx.dic 
# 
loop_
_database_2.database_id 
_database_2.database_code 
_database_2.pdbx_database_accession 
_database_2.pdbx_DOI 
PDB   1VCC         pdb_00001vcc 10.2210/pdb1vcc/pdb 
WWPDB D_1000177017 ?            ?                   
# 
loop_
_pdbx_audit_revision_history.ordinal 
_pdbx_audit_revision_history.data_content_type 
_pdbx_audit_revision_history.major_revision 
_pdbx_audit_revision_history.minor_revision 
_pdbx_audit_revision_history.revision_date 
1 'Structure model' 1 0 1996-03-08 
2 'Structure model' 1 1 2008-03-24 
3 'Structure model' 1 2 2011-07-13 
4 'Structure model' 1 3 2024-02-14 
# 
_pdbx_audit_revision_details.ordinal             1 
_pdbx_audit_revision_details.revision_ordinal    1 
_pdbx_audit_revision_details.data_content_type   'Structure model' 
_pdbx_audit_revision_details.provider            repository 
_pdbx_audit_revision_details.type                'Initial release' 
_pdbx_audit_revision_details.description         ? 
_pdbx_audit_revision_details.details             ? 
# 
loop_
_pdbx_audit_revision_group.ordinal 
_pdbx_audit_revision_group.revision_ordinal 
_pdbx_audit_revision_group.data_content_type 
_pdbx_audit_revision_group.group 
1 2 'Structure model' 'Version format compliance' 
2 3 'Structure model' 'Source and taxonomy'       
3 3 'Structure model' 'Version format compliance' 
4 4 'Structure model' 'Data collection'           
5 4 'Structure model' 'Database references'       
6 4 'Structure model' Other                       
# 
loop_
_pdbx_audit_revision_category.ordinal 
_pdbx_audit_revision_category.revision_ordinal 
_pdbx_audit_revision_category.data_content_type 
_pdbx_audit_revision_category.category 
1 4 'Structure model' chem_comp_atom       
2 4 'Structure model' chem_comp_bond       
3 4 'Structure model' database_2           
4 4 'Structure model' pdbx_database_status 
# 
loop_
_pdbx_audit_revision_item.ordinal 
_pdbx_audit_revision_item.revision_ordinal 
_pdbx_audit_revision_item.data_content_type 
_pdbx_audit_revision_item.item 
1 4 'Structure model' '_database_2.pdbx_DOI'                
2 4 'Structure model' '_database_2.pdbx_database_accession' 
3 4 'Structure model' '_pdbx_database_status.process_site'  
# 
_pdbx_database_status.status_code                     REL 
_pdbx_database_status.entry_id                        1VCC 
_pdbx_database_status.recvd_initial_deposition_date   1995-10-02 
_pdbx_database_status.deposit_site                    ? 
_pdbx_database_status.process_site                    BNL 
_pdbx_database_status.SG_entry                        . 
_pdbx_database_status.pdb_format_compatible           Y 
_pdbx_database_status.status_code_mr                  ? 
_pdbx_database_status.status_code_sf                  ? 
_pdbx_database_status.status_code_cs                  ? 
_pdbx_database_status.status_code_nmr_data            ? 
_pdbx_database_status.methods_development_category    ? 
# 
loop_
_audit_author.name 
_audit_author.pdbx_ordinal 
'Sharma, A.'    1 
'Hanai, R.'     2 
'Mondragon, A.' 3 
# 
_citation.id                        primary 
_citation.title                     
'Crystal structure of the amino-terminal fragment of vaccinia virus DNA topoisomerase I at 1.6 A resolution.' 
_citation.journal_abbrev            Structure 
_citation.journal_volume            2 
_citation.page_first                767 
_citation.page_last                 777 
_citation.year                      1994 
_citation.journal_id_ASTM           STRUE6 
_citation.country                   UK 
_citation.journal_id_ISSN           0969-2126 
_citation.journal_id_CSD            2005 
_citation.book_publisher            ? 
_citation.pdbx_database_id_PubMed   7994576 
_citation.pdbx_database_id_DOI      '10.1016/S0969-2126(94)00077-8' 
# 
loop_
_citation_author.citation_id 
_citation_author.name 
_citation_author.ordinal 
_citation_author.identifier_ORCID 
primary 'Sharma, A.'    1 ? 
primary 'Hanai, R.'     2 ? 
primary 'Mondragon, A.' 3 ? 
# 
loop_
_entity.id 
_entity.type 
_entity.src_method 
_entity.pdbx_description 
_entity.formula_weight 
_entity.pdbx_number_of_molecules 
_entity.pdbx_ec 
_entity.pdbx_mutation 
_entity.pdbx_fragment 
_entity.details 
1 polymer man 'DNA TOPOISOMERASE I' 9066.254 1  5.99.1.2 ? 'AMINO TERMINAL 9KDA, RESIDUES 1 - 77' 
;DOMAIN GENERATED BY MILD PROTEOLYSIS OF THE INTACT 36KDA VACCINIA VIRUS DNA TOPOISOMERASE I, A MEMBER OF THE EUKARYOTIC-LIKE TYPE I DNA TOPOISOMERASES
;
2 water   nat water                 18.015   62 ?        ? ?                                      ? 
# 
_entity_poly.entity_id                      1 
_entity_poly.type                           'polypeptide(L)' 
_entity_poly.nstd_linkage                   no 
_entity_poly.nstd_monomer                   no 
_entity_poly.pdbx_seq_one_letter_code       MRALFYKDGKLFTDNNFLNPVSDDNPAYEVLQHVKIPTHLTDVVVYEQTWEEALTRLIFVGSDSKGRRQYFYGKMHV 
_entity_poly.pdbx_seq_one_letter_code_can   MRALFYKDGKLFTDNNFLNPVSDDNPAYEVLQHVKIPTHLTDVVVYEQTWEEALTRLIFVGSDSKGRRQYFYGKMHV 
_entity_poly.pdbx_strand_id                 A 
_entity_poly.pdbx_target_identifier         ? 
# 
_pdbx_entity_nonpoly.entity_id   2 
_pdbx_entity_nonpoly.name        water 
_pdbx_entity_nonpoly.comp_id     HOH 
# 
loop_
_entity_poly_seq.entity_id 
_entity_poly_seq.num 
_entity_poly_seq.mon_id 
_entity_poly_seq.hetero 
1 1  MET n 
1 2  ARG n 
1 3  ALA n 
1 4  LEU n 
1 5  PHE n 
1 6  TYR n 
1 7  LYS n 
1 8  ASP n 
1 9  GLY n 
1 10 LYS n 
1 11 LEU n 
1 12 PHE n 
1 13 THR n 
1 14 ASP n 
1 15 ASN n 
1 16 ASN n 
1 17 PHE n 
1 18 LEU n 
1 19 ASN n 
1 20 PRO n 
1 21 VAL n 
1 22 SER n 
1 23 ASP n 
1 24 ASP n 
1 25 ASN n 
1 26 PRO n 
1 27 ALA n 
1 28 TYR n 
1 29 GLU n 
1 30 VAL n 
1 31 LEU n 
1 32 GLN n 
1 33 HIS n 
1 34 VAL n 
1 35 LYS n 
1 36 ILE n 
1 37 PRO n 
1 38 THR n 
1 39 HIS n 
1 40 LEU n 
1 41 THR n 
1 42 ASP n 
1 43 VAL n 
1 44 VAL n 
1 45 VAL n 
1 46 TYR n 
1 47 GLU n 
1 48 GLN n 
1 49 THR n 
1 50 TRP n 
1 51 GLU n 
1 52 GLU n 
1 53 ALA n 
1 54 LEU n 
1 55 THR n 
1 56 ARG n 
1 57 LEU n 
1 58 ILE n 
1 59 PHE n 
1 60 VAL n 
1 61 GLY n 
1 62 SER n 
1 63 ASP n 
1 64 SER n 
1 65 LYS n 
1 66 GLY n 
1 67 ARG n 
1 68 ARG n 
1 69 GLN n 
1 70 TYR n 
1 71 PHE n 
1 72 TYR n 
1 73 GLY n 
1 74 LYS n 
1 75 MET n 
1 76 HIS n 
1 77 VAL n 
# 
_entity_src_gen.entity_id                          1 
_entity_src_gen.pdbx_src_id                        1 
_entity_src_gen.pdbx_alt_source_flag               sample 
_entity_src_gen.pdbx_seq_type                      ? 
_entity_src_gen.pdbx_beg_seq_num                   ? 
_entity_src_gen.pdbx_end_seq_num                   ? 
_entity_src_gen.gene_src_common_name               ? 
_entity_src_gen.gene_src_genus                     Orthopoxvirus 
_entity_src_gen.pdbx_gene_src_gene                 ? 
_entity_src_gen.gene_src_species                   'Vaccinia virus' 
_entity_src_gen.gene_src_strain                    WR 
_entity_src_gen.gene_src_tissue                    ? 
_entity_src_gen.gene_src_tissue_fraction           ? 
_entity_src_gen.gene_src_details                   ? 
_entity_src_gen.pdbx_gene_src_fragment             ? 
_entity_src_gen.pdbx_gene_src_scientific_name      'Vaccinia virus' 
_entity_src_gen.pdbx_gene_src_ncbi_taxonomy_id     10254 
_entity_src_gen.pdbx_gene_src_variant              ? 
_entity_src_gen.pdbx_gene_src_cell_line            ? 
_entity_src_gen.pdbx_gene_src_atcc                 ? 
_entity_src_gen.pdbx_gene_src_organ                ? 
_entity_src_gen.pdbx_gene_src_organelle            ? 
_entity_src_gen.pdbx_gene_src_cell                 ? 
_entity_src_gen.pdbx_gene_src_cellular_location    ? 
_entity_src_gen.host_org_common_name               ? 
_entity_src_gen.pdbx_host_org_scientific_name      'Escherichia coli' 
_entity_src_gen.pdbx_host_org_ncbi_taxonomy_id     562 
_entity_src_gen.host_org_genus                     Escherichia 
_entity_src_gen.pdbx_host_org_gene                 ? 
_entity_src_gen.pdbx_host_org_organ                ? 
_entity_src_gen.host_org_species                   ? 
_entity_src_gen.pdbx_host_org_tissue               ? 
_entity_src_gen.pdbx_host_org_tissue_fraction      ? 
_entity_src_gen.pdbx_host_org_strain               ? 
_entity_src_gen.pdbx_host_org_variant              ? 
_entity_src_gen.pdbx_host_org_cell_line            ? 
_entity_src_gen.pdbx_host_org_atcc                 ? 
_entity_src_gen.pdbx_host_org_culture_collection   ? 
_entity_src_gen.pdbx_host_org_cell                 ? 
_entity_src_gen.pdbx_host_org_organelle            ? 
_entity_src_gen.pdbx_host_org_cellular_location    ? 
_entity_src_gen.pdbx_host_org_vector_type          ? 
_entity_src_gen.pdbx_host_org_vector               ? 
_entity_src_gen.host_org_details                   ? 
_entity_src_gen.expression_system_id               ? 
_entity_src_gen.plasmid_name                       ? 
_entity_src_gen.plasmid_details                    ? 
_entity_src_gen.pdbx_description                   'ACTIVE FORM' 
# 
loop_
_chem_comp.id 
_chem_comp.type 
_chem_comp.mon_nstd_flag 
_chem_comp.name 
_chem_comp.pdbx_synonyms 
_chem_comp.formula 
_chem_comp.formula_weight 
ALA 'L-peptide linking' y ALANINE         ? 'C3 H7 N O2'     89.093  
ARG 'L-peptide linking' y ARGININE        ? 'C6 H15 N4 O2 1' 175.209 
ASN 'L-peptide linking' y ASPARAGINE      ? 'C4 H8 N2 O3'    132.118 
ASP 'L-peptide linking' y 'ASPARTIC ACID' ? 'C4 H7 N O4'     133.103 
GLN 'L-peptide linking' y GLUTAMINE       ? 'C5 H10 N2 O3'   146.144 
GLU 'L-peptide linking' y 'GLUTAMIC ACID' ? 'C5 H9 N O4'     147.129 
GLY 'peptide linking'   y GLYCINE         ? 'C2 H5 N O2'     75.067  
HIS 'L-peptide linking' y HISTIDINE       ? 'C6 H10 N3 O2 1' 156.162 
HOH non-polymer         . WATER           ? 'H2 O'           18.015  
ILE 'L-peptide linking' y ISOLEUCINE      ? 'C6 H13 N O2'    131.173 
LEU 'L-peptide linking' y LEUCINE         ? 'C6 H13 N O2'    131.173 
LYS 'L-peptide linking' y LYSINE          ? 'C6 H15 N2 O2 1' 147.195 
MET 'L-peptide linking' y METHIONINE      ? 'C5 H11 N O2 S'  149.211 
PHE 'L-peptide linking' y PHENYLALANINE   ? 'C9 H11 N O2'    165.189 
PRO 'L-peptide linking' y PROLINE         ? 'C5 H9 N O2'     115.130 
SER 'L-peptide linking' y SERINE          ? 'C3 H7 N O3'     105.093 
THR 'L-peptide linking' y THREONINE       ? 'C4 H9 N O3'     119.119 
TRP 'L-peptide linking' y TRYPTOPHAN      ? 'C11 H12 N2 O2'  204.225 
TYR 'L-peptide linking' y TYROSINE        ? 'C9 H11 N O3'    181.189 
VAL 'L-peptide linking' y VALINE          ? 'C5 H11 N O2'    117.146 
# 
loop_
_pdbx_poly_seq_scheme.asym_id 
_pdbx_poly_seq_scheme.entity_id 
_pdbx_poly_seq_scheme.seq_id 
_pdbx_poly_seq_scheme.mon_id 
_pdbx_poly_seq_scheme.ndb_seq_num 
_pdbx_poly_seq_scheme.pdb_seq_num 
_pdbx_poly_seq_scheme.auth_seq_num 
_pdbx_poly_seq_scheme.pdb_mon_id 
_pdbx_poly_seq_scheme.auth_mon_id 
_pdbx_poly_seq_scheme.pdb_strand_id 
_pdbx_poly_seq_scheme.pdb_ins_code 
_pdbx_poly_seq_scheme.hetero 
A 1 1  MET 1  1  1  MET MET A . n 
A 1 2  ARG 2  2  2  ARG ARG A . n 
A 1 3  ALA 3  3  3  ALA ALA A . n 
A 1 4  LEU 4  4  4  LEU LEU A . n 
A 1 5  PHE 5  5  5  PHE PHE A . n 
A 1 6  TYR 6  6  6  TYR TYR A . n 
A 1 7  LYS 7  7  7  LYS LYS A . n 
A 1 8  ASP 8  8  8  ASP ASP A . n 
A 1 9  GLY 9  9  9  GLY GLY A . n 
A 1 10 LYS 10 10 10 LYS LYS A . n 
A 1 11 LEU 11 11 11 LEU LEU A . n 
A 1 12 PHE 12 12 12 PHE PHE A . n 
A 1 13 THR 13 13 13 THR THR A . n 
A 1 14 ASP 14 14 14 ASP ASP A . n 
A 1 15 ASN 15 15 15 ASN ASN A . n 
A 1 16 ASN 16 16 16 ASN ASN A . n 
A 1 17 PHE 17 17 17 PHE PHE A . n 
A 1 18 LEU 18 18 18 LEU LEU A . n 
A 1 19 ASN 19 19 19 ASN ASN A . n 
A 1 20 PRO 20 20 20 PRO PRO A . n 
A 1 21 VAL 21 21 21 VAL VAL A . n 
A 1 22 SER 22 22 22 SER SER A . n 
A 1 23 ASP 23 23 23 ASP ASP A . n 
A 1 24 ASP 24 24 24 ASP ASP A . n 
A 1 25 ASN 25 25 25 ASN ASN A . n 
A 1 26 PRO 26 26 26 PRO PRO A . n 
A 1 27 ALA 27 27 27 ALA ALA A . n 
A 1 28 TYR 28 28 28 TYR TYR A . n 
A 1 29 GLU 29 29 29 GLU GLU A . n 
A 1 30 VAL 30 30 30 VAL VAL A . n 
A 1 31 LEU 31 31 31 LEU LEU A . n 
A 1 32 GLN 32 32 32 GLN GLN A . n 
A 1 33 HIS 33 33 33 HIS HIS A . n 
A 1 34 VAL 34 34 34 VAL VAL A . n 
A 1 35 LYS 35 35 35 LYS LYS A . n 
A 1 36 ILE 36 36 36 ILE ILE A . n 
A 1 37 PRO 37 37 37 PRO PRO A . n 
A 1 38 THR 38 38 38 THR THR A . n 
A 1 39 HIS 39 39 39 HIS HIS A . n 
A 1 40 LEU 40 40 40 LEU LEU A . n 
A 1 41 THR 41 41 41 THR THR A . n 
A 1 42 ASP 42 42 42 ASP ASP A . n 
A 1 43 VAL 43 43 43 VAL VAL A . n 
A 1 44 VAL 44 44 44 VAL VAL A . n 
A 1 45 VAL 45 45 45 VAL VAL A . n 
A 1 46 TYR 46 46 46 TYR TYR A . n 
A 1 47 GLU 47 47 47 GLU GLU A . n 
A 1 48 GLN 48 48 48 GLN GLN A . n 
A 1 49 THR 49 49 49 THR THR A . n 
A 1 50 TRP 50 50 50 TRP TRP A . n 
A 1 51 GLU 51 51 51 GLU GLU A . n 
A 1 52 GLU 52 52 52 GLU GLU A . n 
A 1 53 ALA 53 53 53 ALA ALA A . n 
A 1 54 LEU 54 54 54 LEU LEU A . n 
A 1 55 THR 55 55 55 THR THR A . n 
A 1 56 ARG 56 56 56 ARG ARG A . n 
A 1 57 LEU 57 57 57 LEU LEU A . n 
A 1 58 ILE 58 58 58 ILE ILE A . n 
A 1 59 PHE 59 59 59 PHE PHE A . n 
A 1 60 VAL 60 60 60 VAL VAL A . n 
A 1 61 GLY 61 61 61 GLY GLY A . n 
A 1 62 SER 62 62 62 SER SER A . n 
A 1 63 ASP 63 63 63 ASP ASP A . n 
A 1 64 SER 64 64 64 SER SER A . n 
A 1 65 LYS 65 65 65 LYS LYS A . n 
A 1 66 GLY 66 66 66 GLY GLY A . n 
A 1 67 ARG 67 67 67 ARG ARG A . n 
A 1 68 ARG 68 68 68 ARG ARG A . n 
A 1 69 GLN 69 69 69 GLN GLN A . n 
A 1 70 TYR 70 70 70 TYR TYR A . n 
A 1 71 PHE 71 71 71 PHE PHE A . n 
A 1 72 TYR 72 72 72 TYR TYR A . n 
A 1 73 GLY 73 73 73 GLY GLY A . n 
A 1 74 LYS 74 74 74 LYS LYS A . n 
A 1 75 MET 75 75 75 MET MET A . n 
A 1 76 HIS 76 76 76 HIS HIS A . n 
A 1 77 VAL 77 77 77 VAL VAL A . n 
# 
loop_
_pdbx_nonpoly_scheme.asym_id 
_pdbx_nonpoly_scheme.entity_id 
_pdbx_nonpoly_scheme.mon_id 
_pdbx_nonpoly_scheme.ndb_seq_num 
_pdbx_nonpoly_scheme.pdb_seq_num 
_pdbx_nonpoly_scheme.auth_seq_num 
_pdbx_nonpoly_scheme.pdb_mon_id 
_pdbx_nonpoly_scheme.auth_mon_id 
_pdbx_nonpoly_scheme.pdb_strand_id 
_pdbx_nonpoly_scheme.pdb_ins_code 
B 2 HOH 1  78  1  HOH HOH A . 
B 2 HOH 2  79  2  HOH HOH A . 
B 2 HOH 3  80  3  HOH HOH A . 
B 2 HOH 4  81  4  HOH HOH A . 
B 2 HOH 5  82  5  HOH HOH A . 
B 2 HOH 6  83  6  HOH HOH A . 
B 2 HOH 7  84  7  HOH HOH A . 
B 2 HOH 8  85  8  HOH HOH A . 
B 2 HOH 9  86  9  HOH HOH A . 
B 2 HOH 10 87  10 HOH HOH A . 
B 2 HOH 11 88  11 HOH HOH A . 
B 2 HOH 12 89  12 HOH HOH A . 
B 2 HOH 13 90  13 HOH HOH A . 
B 2 HOH 14 91  14 HOH HOH A . 
B 2 HOH 15 92  15 HOH HOH A . 
B 2 HOH 16 93  16 HOH HOH A . 
B 2 HOH 17 94  17 HOH HOH A . 
B 2 HOH 18 95  18 HOH HOH A . 
B 2 HOH 19 96  19 HOH HOH A . 
B 2 HOH 20 97  20 HOH HOH A . 
B 2 HOH 21 98  21 HOH HOH A . 
B 2 HOH 22 99  22 HOH HOH A . 
B 2 HOH 23 100 23 HOH HOH A . 
B 2 HOH 24 101 24 HOH HOH A . 
B 2 HOH 25 102 25 HOH HOH A . 
B 2 HOH 26 103 26 HOH HOH A . 
B 2 HOH 27 104 27 HOH HOH A . 
B 2 HOH 28 105 28 HOH HOH A . 
B 2 HOH 29 106 29 HOH HOH A . 
B 2 HOH 30 107 30 HOH HOH A . 
B 2 HOH 31 108 31 HOH HOH A . 
B 2 HOH 32 109 32 HOH HOH A . 
B 2 HOH 33 110 33 HOH HOH A . 
B 2 HOH 34 111 34 HOH HOH A . 
B 2 HOH 35 112 35 HOH HOH A . 
B 2 HOH 36 113 36 HOH HOH A . 
B 2 HOH 37 114 37 HOH HOH A . 
B 2 HOH 38 115 38 HOH HOH A . 
B 2 HOH 39 116 39 HOH HOH A . 
B 2 HOH 40 117 40 HOH HOH A . 
B 2 HOH 41 118 41 HOH HOH A . 
B 2 HOH 42 119 42 HOH HOH A . 
B 2 HOH 43 120 43 HOH HOH A . 
B 2 HOH 44 121 44 HOH HOH A . 
B 2 HOH 45 122 45 HOH HOH A . 
B 2 HOH 46 123 46 HOH HOH A . 
B 2 HOH 47 124 47 HOH HOH A . 
B 2 HOH 48 125 48 HOH HOH A . 
B 2 HOH 49 126 49 HOH HOH A . 
B 2 HOH 50 127 50 HOH HOH A . 
B 2 HOH 51 128 51 HOH HOH A . 
B 2 HOH 52 129 52 HOH HOH A . 
B 2 HOH 53 130 53 HOH HOH A . 
B 2 HOH 54 131 54 HOH HOH A . 
B 2 HOH 55 132 55 HOH HOH A . 
B 2 HOH 56 133 56 HOH HOH A . 
B 2 HOH 57 134 57 HOH HOH A . 
B 2 HOH 58 135 58 HOH HOH A . 
B 2 HOH 59 136 59 HOH HOH A . 
B 2 HOH 60 137 60 HOH HOH A . 
B 2 HOH 61 138 61 HOH HOH A . 
B 2 HOH 62 139 62 HOH HOH A . 
# 
loop_
_software.name 
_software.classification 
_software.version 
_software.citation_id 
_software.pdbx_ordinal 
X-PLOR 'model building' . ? 1 
X-PLOR refinement       . ? 2 
X-PLOR phasing          . ? 3 
# 
_cell.entry_id           1VCC 
_cell.length_a           32.460 
_cell.length_b           42.510 
_cell.length_c           60.850 
_cell.angle_alpha        90.00 
_cell.angle_beta         90.00 
_cell.angle_gamma        90.00 
_cell.Z_PDB              4 
_cell.pdbx_unique_axis   ? 
# 
_symmetry.entry_id                         1VCC 
_symmetry.space_group_name_H-M             'P 21 21 21' 
_symmetry.pdbx_full_space_group_name_H-M   ? 
_symmetry.cell_setting                     ? 
_symmetry.Int_Tables_number                19 
# 
_exptl.entry_id          1VCC 
_exptl.method            'X-RAY DIFFRACTION' 
_exptl.crystals_number   ? 
# 
_exptl_crystal.id                    1 
_exptl_crystal.density_meas          ? 
_exptl_crystal.density_Matthews      2.31 
_exptl_crystal.density_percent_sol   46.86 
_exptl_crystal.description           ? 
# 
_diffrn.id                     1 
_diffrn.crystal_id             1 
_diffrn.ambient_temp           ? 
_diffrn.ambient_temp_details   ? 
# 
_refine.entry_id                                 1VCC 
_refine.ls_number_reflns_obs                     ? 
_refine.ls_number_reflns_all                     ? 
_refine.pdbx_ls_sigma_I                          ? 
_refine.pdbx_ls_sigma_F                          2.0 
_refine.pdbx_data_cutoff_high_absF               ? 
_refine.pdbx_data_cutoff_low_absF                ? 
_refine.pdbx_data_cutoff_high_rms_absF           ? 
_refine.ls_d_res_low                             5. 
_refine.ls_d_res_high                            1.6 
_refine.ls_percent_reflns_obs                    ? 
_refine.ls_R_factor_obs                          0.2180000 
_refine.ls_R_factor_all                          ? 
_refine.ls_R_factor_R_work                       0.2180000 
_refine.ls_R_factor_R_free                       0.2870000 
_refine.ls_R_factor_R_free_error                 ? 
_refine.ls_R_factor_R_free_error_details         ? 
_refine.ls_percent_reflns_R_free                 ? 
_refine.ls_number_reflns_R_free                  ? 
_refine.ls_number_parameters                     ? 
_refine.ls_number_restraints                     ? 
_refine.occupancy_min                            ? 
_refine.occupancy_max                            ? 
_refine.B_iso_mean                               ? 
_refine.aniso_B[1][1]                            ? 
_refine.aniso_B[2][2]                            ? 
_refine.aniso_B[3][3]                            ? 
_refine.aniso_B[1][2]                            ? 
_refine.aniso_B[1][3]                            ? 
_refine.aniso_B[2][3]                            ? 
_refine.solvent_model_details                    ? 
_refine.solvent_model_param_ksol                 ? 
_refine.solvent_model_param_bsol                 ? 
_refine.pdbx_ls_cross_valid_method               ? 
_refine.details                                  
;THE ELECTRON DENSITY USING EXPERIMENTAL PHASES WAS
UNAMBIGUOUS THROUGHOUT RESIDUES 1 - 77; THE MODEL WAS
REFINED AGAINST DATA COLLECTED AT ROOM TEMPERATURE (5 - 1.9
ANGSTROMS), AND SUBSEQUENTLY AGAINST CRYO-COOLED DATA
COLLECTED AT THE SYNCHROTRON SOURCE IN PHOTON FACTORY,
TSUKUBA, JAPAN IN THE RESOLUTION RANGE OF 5 - 1.6
ANGSTROMS.
;
_refine.pdbx_starting_model                      ? 
_refine.pdbx_method_to_determine_struct          ? 
_refine.pdbx_isotropic_thermal_model             ? 
_refine.pdbx_stereochemistry_target_values       ? 
_refine.pdbx_stereochem_target_val_spec_case     ? 
_refine.pdbx_R_Free_selection_details            ? 
_refine.pdbx_overall_ESU_R                       ? 
_refine.pdbx_overall_ESU_R_Free                  ? 
_refine.overall_SU_ML                            ? 
_refine.overall_SU_B                             ? 
_refine.pdbx_refine_id                           'X-RAY DIFFRACTION' 
_refine.pdbx_diffrn_id                           1 
_refine.pdbx_TLS_residual_ADP_flag               ? 
_refine.correlation_coeff_Fo_to_Fc               ? 
_refine.correlation_coeff_Fo_to_Fc_free          ? 
_refine.pdbx_solvent_vdw_probe_radii             ? 
_refine.pdbx_solvent_ion_probe_radii             ? 
_refine.pdbx_solvent_shrinkage_radii             ? 
_refine.pdbx_overall_phase_error                 ? 
_refine.overall_SU_R_Cruickshank_DPI             ? 
_refine.pdbx_overall_SU_R_free_Cruickshank_DPI   ? 
_refine.pdbx_overall_SU_R_Blow_DPI               ? 
_refine.pdbx_overall_SU_R_free_Blow_DPI          ? 
# 
_refine_hist.pdbx_refine_id                   'X-RAY DIFFRACTION' 
_refine_hist.cycle_id                         LAST 
_refine_hist.pdbx_number_atoms_protein        640 
_refine_hist.pdbx_number_atoms_nucleic_acid   0 
_refine_hist.pdbx_number_atoms_ligand         0 
_refine_hist.number_atoms_solvent             62 
_refine_hist.number_atoms_total               702 
_refine_hist.d_res_high                       1.6 
_refine_hist.d_res_low                        5. 
# 
loop_
_refine_ls_restr.type 
_refine_ls_restr.dev_ideal 
_refine_ls_restr.dev_ideal_target 
_refine_ls_restr.weight 
_refine_ls_restr.number 
_refine_ls_restr.pdbx_refine_id 
_refine_ls_restr.pdbx_restraint_function 
x_bond_d                0.017 ? ? ? 'X-RAY DIFFRACTION' ? 
x_bond_d_na             ?     ? ? ? 'X-RAY DIFFRACTION' ? 
x_bond_d_prot           ?     ? ? ? 'X-RAY DIFFRACTION' ? 
x_angle_d               ?     ? ? ? 'X-RAY DIFFRACTION' ? 
x_angle_d_na            ?     ? ? ? 'X-RAY DIFFRACTION' ? 
x_angle_d_prot          ?     ? ? ? 'X-RAY DIFFRACTION' ? 
x_angle_deg             1.510 ? ? ? 'X-RAY DIFFRACTION' ? 
x_angle_deg_na          ?     ? ? ? 'X-RAY DIFFRACTION' ? 
x_angle_deg_prot        ?     ? ? ? 'X-RAY DIFFRACTION' ? 
x_dihedral_angle_d      ?     ? ? ? 'X-RAY DIFFRACTION' ? 
x_dihedral_angle_d_na   ?     ? ? ? 'X-RAY DIFFRACTION' ? 
x_dihedral_angle_d_prot ?     ? ? ? 'X-RAY DIFFRACTION' ? 
x_improper_angle_d      ?     ? ? ? 'X-RAY DIFFRACTION' ? 
x_improper_angle_d_na   ?     ? ? ? 'X-RAY DIFFRACTION' ? 
x_improper_angle_d_prot ?     ? ? ? 'X-RAY DIFFRACTION' ? 
x_mcbond_it             ?     ? ? ? 'X-RAY DIFFRACTION' ? 
x_mcangle_it            ?     ? ? ? 'X-RAY DIFFRACTION' ? 
x_scbond_it             ?     ? ? ? 'X-RAY DIFFRACTION' ? 
x_scangle_it            ?     ? ? ? 'X-RAY DIFFRACTION' ? 
# 
_struct.entry_id                  1VCC 
_struct.title                     
'AMINO TERMINAL 9KDA DOMAIN OF VACCINIA VIRUS DNA TOPOISOMERASE I RESIDUES 1-77, EXPERIMENTAL ELECTRON DENSITY FOR RESIDUES 1-77' 
_struct.pdbx_model_details        ? 
_struct.pdbx_CASP_flag            ? 
_struct.pdbx_model_type_details   ? 
# 
_struct_keywords.entry_id        1VCC 
_struct_keywords.pdbx_keywords   'DNA BINDING' 
_struct_keywords.text            'DNA BINDING' 
# 
loop_
_struct_asym.id 
_struct_asym.pdbx_blank_PDB_chainid_flag 
_struct_asym.pdbx_modified 
_struct_asym.entity_id 
_struct_asym.details 
A N N 1 ? 
B N N 2 ? 
# 
_struct_ref.id                         1 
_struct_ref.db_name                    UNP 
_struct_ref.db_code                    TOP1_VACCV 
_struct_ref.entity_id                  1 
_struct_ref.pdbx_db_accession          P68698 
_struct_ref.pdbx_align_begin           1 
_struct_ref.pdbx_seq_one_letter_code   
;MRALFYKDGKLFTDNNFLNPVSDDNPAYEVLQHVKIPTHLTDVVVYEQTWEEALTRLIFVGSDSKGRRQYFYGKMHVQNR
NAKRDRIFVRVYNVMKRINCFINKNIKKSSTDSNYQLAVFMLMETMFFIRFGKMKYLKENETVGLLTLKNKHIEISPDEI
VIKFVGKDKVSHEFVVHKSNRLYKPLLKLTDDSSPEEFLFNKLSERKVYECIKQFGIRIKDLRTYGVNYTFLYNFWTNVK
SISPLPSPKKLIALTIKQTAEVVGHTPSISKRAYMATTILEMVKDKNFLDVVSKTTFDEFLSIVVDHVKSSTDG
;
_struct_ref.pdbx_db_isoform            ? 
# 
_struct_ref_seq.align_id                      1 
_struct_ref_seq.ref_id                        1 
_struct_ref_seq.pdbx_PDB_id_code              1VCC 
_struct_ref_seq.pdbx_strand_id                A 
_struct_ref_seq.seq_align_beg                 1 
_struct_ref_seq.pdbx_seq_align_beg_ins_code   ? 
_struct_ref_seq.seq_align_end                 77 
_struct_ref_seq.pdbx_seq_align_end_ins_code   ? 
_struct_ref_seq.pdbx_db_accession             P68698 
_struct_ref_seq.db_align_beg                  1 
_struct_ref_seq.pdbx_db_align_beg_ins_code    ? 
_struct_ref_seq.db_align_end                  77 
_struct_ref_seq.pdbx_db_align_end_ins_code    ? 
_struct_ref_seq.pdbx_auth_seq_align_beg       1 
_struct_ref_seq.pdbx_auth_seq_align_end       77 
# 
_pdbx_struct_assembly.id                   1 
_pdbx_struct_assembly.details              author_defined_assembly 
_pdbx_struct_assembly.method_details       ? 
_pdbx_struct_assembly.oligomeric_details   monomeric 
_pdbx_struct_assembly.oligomeric_count     1 
# 
_pdbx_struct_assembly_gen.assembly_id       1 
_pdbx_struct_assembly_gen.oper_expression   1 
_pdbx_struct_assembly_gen.asym_id_list      A,B 
# 
_pdbx_struct_oper_list.id                   1 
_pdbx_struct_oper_list.type                 'identity operation' 
_pdbx_struct_oper_list.name                 1_555 
_pdbx_struct_oper_list.symmetry_operation   x,y,z 
_pdbx_struct_oper_list.matrix[1][1]         1.0000000000 
_pdbx_struct_oper_list.matrix[1][2]         0.0000000000 
_pdbx_struct_oper_list.matrix[1][3]         0.0000000000 
_pdbx_struct_oper_list.vector[1]            0.0000000000 
_pdbx_struct_oper_list.matrix[2][1]         0.0000000000 
_pdbx_struct_oper_list.matrix[2][2]         1.0000000000 
_pdbx_struct_oper_list.matrix[2][3]         0.0000000000 
_pdbx_struct_oper_list.vector[2]            0.0000000000 
_pdbx_struct_oper_list.matrix[3][1]         0.0000000000 
_pdbx_struct_oper_list.matrix[3][2]         0.0000000000 
_pdbx_struct_oper_list.matrix[3][3]         1.0000000000 
_pdbx_struct_oper_list.vector[3]            0.0000000000 
# 
_struct_biol.id   1 
# 
loop_
_struct_conf.conf_type_id 
_struct_conf.id 
_struct_conf.pdbx_PDB_helix_id 
_struct_conf.beg_label_comp_id 
_struct_conf.beg_label_asym_id 
_struct_conf.beg_label_seq_id 
_struct_conf.pdbx_beg_PDB_ins_code 
_struct_conf.end_label_comp_id 
_struct_conf.end_label_asym_id 
_struct_conf.end_label_seq_id 
_struct_conf.pdbx_end_PDB_ins_code 
_struct_conf.beg_auth_comp_id 
_struct_conf.beg_auth_asym_id 
_struct_conf.beg_auth_seq_id 
_struct_conf.end_auth_comp_id 
_struct_conf.end_auth_asym_id 
_struct_conf.end_auth_seq_id 
_struct_conf.pdbx_PDB_helix_class 
_struct_conf.details 
_struct_conf.pdbx_PDB_helix_length 
HELX_P HELX_P1 1 PRO A 26 ? HIS A 33 ? PRO A 26 HIS A 33 5 ? 8 
HELX_P HELX_P2 2 TRP A 50 ? THR A 55 ? TRP A 50 THR A 55 1 ? 6 
# 
_struct_conf_type.id          HELX_P 
_struct_conf_type.criteria    ? 
_struct_conf_type.reference   ? 
# 
loop_
_struct_sheet.id 
_struct_sheet.type 
_struct_sheet.number_strands 
_struct_sheet.details 
A ? 3 ? 
B ? 2 ? 
# 
loop_
_struct_sheet_order.sheet_id 
_struct_sheet_order.range_id_1 
_struct_sheet_order.range_id_2 
_struct_sheet_order.offset 
_struct_sheet_order.sense 
A 1 2 ? anti-parallel 
A 2 3 ? anti-parallel 
B 1 2 ? anti-parallel 
# 
loop_
_struct_sheet_range.sheet_id 
_struct_sheet_range.id 
_struct_sheet_range.beg_label_comp_id 
_struct_sheet_range.beg_label_asym_id 
_struct_sheet_range.beg_label_seq_id 
_struct_sheet_range.pdbx_beg_PDB_ins_code 
_struct_sheet_range.end_label_comp_id 
_struct_sheet_range.end_label_asym_id 
_struct_sheet_range.end_label_seq_id 
_struct_sheet_range.pdbx_end_PDB_ins_code 
_struct_sheet_range.beg_auth_comp_id 
_struct_sheet_range.beg_auth_asym_id 
_struct_sheet_range.beg_auth_seq_id 
_struct_sheet_range.end_auth_comp_id 
_struct_sheet_range.end_auth_asym_id 
_struct_sheet_range.end_auth_seq_id 
A 1 VAL A 44 ? TYR A 46 ? VAL A 44 TYR A 46 
A 2 ALA A 3  ? LYS A 7  ? ALA A 3  LYS A 7  
A 3 LYS A 10 ? PHE A 12 ? LYS A 10 PHE A 12 
B 1 LEU A 57 ? SER A 62 ? LEU A 57 SER A 62 
B 2 ARG A 68 ? TYR A 72 ? ARG A 68 TYR A 72 
# 
loop_
_pdbx_struct_sheet_hbond.sheet_id 
_pdbx_struct_sheet_hbond.range_id_1 
_pdbx_struct_sheet_hbond.range_id_2 
_pdbx_struct_sheet_hbond.range_1_label_atom_id 
_pdbx_struct_sheet_hbond.range_1_label_comp_id 
_pdbx_struct_sheet_hbond.range_1_label_asym_id 
_pdbx_struct_sheet_hbond.range_1_label_seq_id 
_pdbx_struct_sheet_hbond.range_1_PDB_ins_code 
_pdbx_struct_sheet_hbond.range_1_auth_atom_id 
_pdbx_struct_sheet_hbond.range_1_auth_comp_id 
_pdbx_struct_sheet_hbond.range_1_auth_asym_id 
_pdbx_struct_sheet_hbond.range_1_auth_seq_id 
_pdbx_struct_sheet_hbond.range_2_label_atom_id 
_pdbx_struct_sheet_hbond.range_2_label_comp_id 
_pdbx_struct_sheet_hbond.range_2_label_asym_id 
_pdbx_struct_sheet_hbond.range_2_label_seq_id 
_pdbx_struct_sheet_hbond.range_2_PDB_ins_code 
_pdbx_struct_sheet_hbond.range_2_auth_atom_id 
_pdbx_struct_sheet_hbond.range_2_auth_comp_id 
_pdbx_struct_sheet_hbond.range_2_auth_asym_id 
_pdbx_struct_sheet_hbond.range_2_auth_seq_id 
A 1 2 O VAL A 45 ? O VAL A 45 N LEU A 4  ? N LEU A 4  
A 2 3 O PHE A 5  ? O PHE A 5  N PHE A 12 ? N PHE A 12 
B 1 2 O ILE A 58 ? O ILE A 58 N PHE A 71 ? N PHE A 71 
# 
loop_
_chem_comp_atom.comp_id 
_chem_comp_atom.atom_id 
_chem_comp_atom.type_symbol 
_chem_comp_atom.pdbx_aromatic_flag 
_chem_comp_atom.pdbx_stereo_config 
_chem_comp_atom.pdbx_ordinal 
ALA N    N N N 1   
ALA CA   C N S 2   
ALA C    C N N 3   
ALA O    O N N 4   
ALA CB   C N N 5   
ALA OXT  O N N 6   
ALA H    H N N 7   
ALA H2   H N N 8   
ALA HA   H N N 9   
ALA HB1  H N N 10  
ALA HB2  H N N 11  
ALA HB3  H N N 12  
ALA HXT  H N N 13  
ARG N    N N N 14  
ARG CA   C N S 15  
ARG C    C N N 16  
ARG O    O N N 17  
ARG CB   C N N 18  
ARG CG   C N N 19  
ARG CD   C N N 20  
ARG NE   N N N 21  
ARG CZ   C N N 22  
ARG NH1  N N N 23  
ARG NH2  N N N 24  
ARG OXT  O N N 25  
ARG H    H N N 26  
ARG H2   H N N 27  
ARG HA   H N N 28  
ARG HB2  H N N 29  
ARG HB3  H N N 30  
ARG HG2  H N N 31  
ARG HG3  H N N 32  
ARG HD2  H N N 33  
ARG HD3  H N N 34  
ARG HE   H N N 35  
ARG HH11 H N N 36  
ARG HH12 H N N 37  
ARG HH21 H N N 38  
ARG HH22 H N N 39  
ARG HXT  H N N 40  
ASN N    N N N 41  
ASN CA   C N S 42  
ASN C    C N N 43  
ASN O    O N N 44  
ASN CB   C N N 45  
ASN CG   C N N 46  
ASN OD1  O N N 47  
ASN ND2  N N N 48  
ASN OXT  O N N 49  
ASN H    H N N 50  
ASN H2   H N N 51  
ASN HA   H N N 52  
ASN HB2  H N N 53  
ASN HB3  H N N 54  
ASN HD21 H N N 55  
ASN HD22 H N N 56  
ASN HXT  H N N 57  
ASP N    N N N 58  
ASP CA   C N S 59  
ASP C    C N N 60  
ASP O    O N N 61  
ASP CB   C N N 62  
ASP CG   C N N 63  
ASP OD1  O N N 64  
ASP OD2  O N N 65  
ASP OXT  O N N 66  
ASP H    H N N 67  
ASP H2   H N N 68  
ASP HA   H N N 69  
ASP HB2  H N N 70  
ASP HB3  H N N 71  
ASP HD2  H N N 72  
ASP HXT  H N N 73  
GLN N    N N N 74  
GLN CA   C N S 75  
GLN C    C N N 76  
GLN O    O N N 77  
GLN CB   C N N 78  
GLN CG   C N N 79  
GLN CD   C N N 80  
GLN OE1  O N N 81  
GLN NE2  N N N 82  
GLN OXT  O N N 83  
GLN H    H N N 84  
GLN H2   H N N 85  
GLN HA   H N N 86  
GLN HB2  H N N 87  
GLN HB3  H N N 88  
GLN HG2  H N N 89  
GLN HG3  H N N 90  
GLN HE21 H N N 91  
GLN HE22 H N N 92  
GLN HXT  H N N 93  
GLU N    N N N 94  
GLU CA   C N S 95  
GLU C    C N N 96  
GLU O    O N N 97  
GLU CB   C N N 98  
GLU CG   C N N 99  
GLU CD   C N N 100 
GLU OE1  O N N 101 
GLU OE2  O N N 102 
GLU OXT  O N N 103 
GLU H    H N N 104 
GLU H2   H N N 105 
GLU HA   H N N 106 
GLU HB2  H N N 107 
GLU HB3  H N N 108 
GLU HG2  H N N 109 
GLU HG3  H N N 110 
GLU HE2  H N N 111 
GLU HXT  H N N 112 
GLY N    N N N 113 
GLY CA   C N N 114 
GLY C    C N N 115 
GLY O    O N N 116 
GLY OXT  O N N 117 
GLY H    H N N 118 
GLY H2   H N N 119 
GLY HA2  H N N 120 
GLY HA3  H N N 121 
GLY HXT  H N N 122 
HIS N    N N N 123 
HIS CA   C N S 124 
HIS C    C N N 125 
HIS O    O N N 126 
HIS CB   C N N 127 
HIS CG   C Y N 128 
HIS ND1  N Y N 129 
HIS CD2  C Y N 130 
HIS CE1  C Y N 131 
HIS NE2  N Y N 132 
HIS OXT  O N N 133 
HIS H    H N N 134 
HIS H2   H N N 135 
HIS HA   H N N 136 
HIS HB2  H N N 137 
HIS HB3  H N N 138 
HIS HD1  H N N 139 
HIS HD2  H N N 140 
HIS HE1  H N N 141 
HIS HE2  H N N 142 
HIS HXT  H N N 143 
HOH O    O N N 144 
HOH H1   H N N 145 
HOH H2   H N N 146 
ILE N    N N N 147 
ILE CA   C N S 148 
ILE C    C N N 149 
ILE O    O N N 150 
ILE CB   C N S 151 
ILE CG1  C N N 152 
ILE CG2  C N N 153 
ILE CD1  C N N 154 
ILE OXT  O N N 155 
ILE H    H N N 156 
ILE H2   H N N 157 
ILE HA   H N N 158 
ILE HB   H N N 159 
ILE HG12 H N N 160 
ILE HG13 H N N 161 
ILE HG21 H N N 162 
ILE HG22 H N N 163 
ILE HG23 H N N 164 
ILE HD11 H N N 165 
ILE HD12 H N N 166 
ILE HD13 H N N 167 
ILE HXT  H N N 168 
LEU N    N N N 169 
LEU CA   C N S 170 
LEU C    C N N 171 
LEU O    O N N 172 
LEU CB   C N N 173 
LEU CG   C N N 174 
LEU CD1  C N N 175 
LEU CD2  C N N 176 
LEU OXT  O N N 177 
LEU H    H N N 178 
LEU H2   H N N 179 
LEU HA   H N N 180 
LEU HB2  H N N 181 
LEU HB3  H N N 182 
LEU HG   H N N 183 
LEU HD11 H N N 184 
LEU HD12 H N N 185 
LEU HD13 H N N 186 
LEU HD21 H N N 187 
LEU HD22 H N N 188 
LEU HD23 H N N 189 
LEU HXT  H N N 190 
LYS N    N N N 191 
LYS CA   C N S 192 
LYS C    C N N 193 
LYS O    O N N 194 
LYS CB   C N N 195 
LYS CG   C N N 196 
LYS CD   C N N 197 
LYS CE   C N N 198 
LYS NZ   N N N 199 
LYS OXT  O N N 200 
LYS H    H N N 201 
LYS H2   H N N 202 
LYS HA   H N N 203 
LYS HB2  H N N 204 
LYS HB3  H N N 205 
LYS HG2  H N N 206 
LYS HG3  H N N 207 
LYS HD2  H N N 208 
LYS HD3  H N N 209 
LYS HE2  H N N 210 
LYS HE3  H N N 211 
LYS HZ1  H N N 212 
LYS HZ2  H N N 213 
LYS HZ3  H N N 214 
LYS HXT  H N N 215 
MET N    N N N 216 
MET CA   C N S 217 
MET C    C N N 218 
MET O    O N N 219 
MET CB   C N N 220 
MET CG   C N N 221 
MET SD   S N N 222 
MET CE   C N N 223 
MET OXT  O N N 224 
MET H    H N N 225 
MET H2   H N N 226 
MET HA   H N N 227 
MET HB2  H N N 228 
MET HB3  H N N 229 
MET HG2  H N N 230 
MET HG3  H N N 231 
MET HE1  H N N 232 
MET HE2  H N N 233 
MET HE3  H N N 234 
MET HXT  H N N 235 
PHE N    N N N 236 
PHE CA   C N S 237 
PHE C    C N N 238 
PHE O    O N N 239 
PHE CB   C N N 240 
PHE CG   C Y N 241 
PHE CD1  C Y N 242 
PHE CD2  C Y N 243 
PHE CE1  C Y N 244 
PHE CE2  C Y N 245 
PHE CZ   C Y N 246 
PHE OXT  O N N 247 
PHE H    H N N 248 
PHE H2   H N N 249 
PHE HA   H N N 250 
PHE HB2  H N N 251 
PHE HB3  H N N 252 
PHE HD1  H N N 253 
PHE HD2  H N N 254 
PHE HE1  H N N 255 
PHE HE2  H N N 256 
PHE HZ   H N N 257 
PHE HXT  H N N 258 
PRO N    N N N 259 
PRO CA   C N S 260 
PRO C    C N N 261 
PRO O    O N N 262 
PRO CB   C N N 263 
PRO CG   C N N 264 
PRO CD   C N N 265 
PRO OXT  O N N 266 
PRO H    H N N 267 
PRO HA   H N N 268 
PRO HB2  H N N 269 
PRO HB3  H N N 270 
PRO HG2  H N N 271 
PRO HG3  H N N 272 
PRO HD2  H N N 273 
PRO HD3  H N N 274 
PRO HXT  H N N 275 
SER N    N N N 276 
SER CA   C N S 277 
SER C    C N N 278 
SER O    O N N 279 
SER CB   C N N 280 
SER OG   O N N 281 
SER OXT  O N N 282 
SER H    H N N 283 
SER H2   H N N 284 
SER HA   H N N 285 
SER HB2  H N N 286 
SER HB3  H N N 287 
SER HG   H N N 288 
SER HXT  H N N 289 
THR N    N N N 290 
THR CA   C N S 291 
THR C    C N N 292 
THR O    O N N 293 
THR CB   C N R 294 
THR OG1  O N N 295 
THR CG2  C N N 296 
THR OXT  O N N 297 
THR H    H N N 298 
THR H2   H N N 299 
THR HA   H N N 300 
THR HB   H N N 301 
THR HG1  H N N 302 
THR HG21 H N N 303 
THR HG22 H N N 304 
THR HG23 H N N 305 
THR HXT  H N N 306 
TRP N    N N N 307 
TRP CA   C N S 308 
TRP C    C N N 309 
TRP O    O N N 310 
TRP CB   C N N 311 
TRP CG   C Y N 312 
TRP CD1  C Y N 313 
TRP CD2  C Y N 314 
TRP NE1  N Y N 315 
TRP CE2  C Y N 316 
TRP CE3  C Y N 317 
TRP CZ2  C Y N 318 
TRP CZ3  C Y N 319 
TRP CH2  C Y N 320 
TRP OXT  O N N 321 
TRP H    H N N 322 
TRP H2   H N N 323 
TRP HA   H N N 324 
TRP HB2  H N N 325 
TRP HB3  H N N 326 
TRP HD1  H N N 327 
TRP HE1  H N N 328 
TRP HE3  H N N 329 
TRP HZ2  H N N 330 
TRP HZ3  H N N 331 
TRP HH2  H N N 332 
TRP HXT  H N N 333 
TYR N    N N N 334 
TYR CA   C N S 335 
TYR C    C N N 336 
TYR O    O N N 337 
TYR CB   C N N 338 
TYR CG   C Y N 339 
TYR CD1  C Y N 340 
TYR CD2  C Y N 341 
TYR CE1  C Y N 342 
TYR CE2  C Y N 343 
TYR CZ   C Y N 344 
TYR OH   O N N 345 
TYR OXT  O N N 346 
TYR H    H N N 347 
TYR H2   H N N 348 
TYR HA   H N N 349 
TYR HB2  H N N 350 
TYR HB3  H N N 351 
TYR HD1  H N N 352 
TYR HD2  H N N 353 
TYR HE1  H N N 354 
TYR HE2  H N N 355 
TYR HH   H N N 356 
TYR HXT  H N N 357 
VAL N    N N N 358 
VAL CA   C N S 359 
VAL C    C N N 360 
VAL O    O N N 361 
VAL CB   C N N 362 
VAL CG1  C N N 363 
VAL CG2  C N N 364 
VAL OXT  O N N 365 
VAL H    H N N 366 
VAL H2   H N N 367 
VAL HA   H N N 368 
VAL HB   H N N 369 
VAL HG11 H N N 370 
VAL HG12 H N N 371 
VAL HG13 H N N 372 
VAL HG21 H N N 373 
VAL HG22 H N N 374 
VAL HG23 H N N 375 
VAL HXT  H N N 376 
# 
loop_
_chem_comp_bond.comp_id 
_chem_comp_bond.atom_id_1 
_chem_comp_bond.atom_id_2 
_chem_comp_bond.value_order 
_chem_comp_bond.pdbx_aromatic_flag 
_chem_comp_bond.pdbx_stereo_config 
_chem_comp_bond.pdbx_ordinal 
ALA N   CA   sing N N 1   
ALA N   H    sing N N 2   
ALA N   H2   sing N N 3   
ALA CA  C    sing N N 4   
ALA CA  CB   sing N N 5   
ALA CA  HA   sing N N 6   
ALA C   O    doub N N 7   
ALA C   OXT  sing N N 8   
ALA CB  HB1  sing N N 9   
ALA CB  HB2  sing N N 10  
ALA CB  HB3  sing N N 11  
ALA OXT HXT  sing N N 12  
ARG N   CA   sing N N 13  
ARG N   H    sing N N 14  
ARG N   H2   sing N N 15  
ARG CA  C    sing N N 16  
ARG CA  CB   sing N N 17  
ARG CA  HA   sing N N 18  
ARG C   O    doub N N 19  
ARG C   OXT  sing N N 20  
ARG CB  CG   sing N N 21  
ARG CB  HB2  sing N N 22  
ARG CB  HB3  sing N N 23  
ARG CG  CD   sing N N 24  
ARG CG  HG2  sing N N 25  
ARG CG  HG3  sing N N 26  
ARG CD  NE   sing N N 27  
ARG CD  HD2  sing N N 28  
ARG CD  HD3  sing N N 29  
ARG NE  CZ   sing N N 30  
ARG NE  HE   sing N N 31  
ARG CZ  NH1  sing N N 32  
ARG CZ  NH2  doub N N 33  
ARG NH1 HH11 sing N N 34  
ARG NH1 HH12 sing N N 35  
ARG NH2 HH21 sing N N 36  
ARG NH2 HH22 sing N N 37  
ARG OXT HXT  sing N N 38  
ASN N   CA   sing N N 39  
ASN N   H    sing N N 40  
ASN N   H2   sing N N 41  
ASN CA  C    sing N N 42  
ASN CA  CB   sing N N 43  
ASN CA  HA   sing N N 44  
ASN C   O    doub N N 45  
ASN C   OXT  sing N N 46  
ASN CB  CG   sing N N 47  
ASN CB  HB2  sing N N 48  
ASN CB  HB3  sing N N 49  
ASN CG  OD1  doub N N 50  
ASN CG  ND2  sing N N 51  
ASN ND2 HD21 sing N N 52  
ASN ND2 HD22 sing N N 53  
ASN OXT HXT  sing N N 54  
ASP N   CA   sing N N 55  
ASP N   H    sing N N 56  
ASP N   H2   sing N N 57  
ASP CA  C    sing N N 58  
ASP CA  CB   sing N N 59  
ASP CA  HA   sing N N 60  
ASP C   O    doub N N 61  
ASP C   OXT  sing N N 62  
ASP CB  CG   sing N N 63  
ASP CB  HB2  sing N N 64  
ASP CB  HB3  sing N N 65  
ASP CG  OD1  doub N N 66  
ASP CG  OD2  sing N N 67  
ASP OD2 HD2  sing N N 68  
ASP OXT HXT  sing N N 69  
GLN N   CA   sing N N 70  
GLN N   H    sing N N 71  
GLN N   H2   sing N N 72  
GLN CA  C    sing N N 73  
GLN CA  CB   sing N N 74  
GLN CA  HA   sing N N 75  
GLN C   O    doub N N 76  
GLN C   OXT  sing N N 77  
GLN CB  CG   sing N N 78  
GLN CB  HB2  sing N N 79  
GLN CB  HB3  sing N N 80  
GLN CG  CD   sing N N 81  
GLN CG  HG2  sing N N 82  
GLN CG  HG3  sing N N 83  
GLN CD  OE1  doub N N 84  
GLN CD  NE2  sing N N 85  
GLN NE2 HE21 sing N N 86  
GLN NE2 HE22 sing N N 87  
GLN OXT HXT  sing N N 88  
GLU N   CA   sing N N 89  
GLU N   H    sing N N 90  
GLU N   H2   sing N N 91  
GLU CA  C    sing N N 92  
GLU CA  CB   sing N N 93  
GLU CA  HA   sing N N 94  
GLU C   O    doub N N 95  
GLU C   OXT  sing N N 96  
GLU CB  CG   sing N N 97  
GLU CB  HB2  sing N N 98  
GLU CB  HB3  sing N N 99  
GLU CG  CD   sing N N 100 
GLU CG  HG2  sing N N 101 
GLU CG  HG3  sing N N 102 
GLU CD  OE1  doub N N 103 
GLU CD  OE2  sing N N 104 
GLU OE2 HE2  sing N N 105 
GLU OXT HXT  sing N N 106 
GLY N   CA   sing N N 107 
GLY N   H    sing N N 108 
GLY N   H2   sing N N 109 
GLY CA  C    sing N N 110 
GLY CA  HA2  sing N N 111 
GLY CA  HA3  sing N N 112 
GLY C   O    doub N N 113 
GLY C   OXT  sing N N 114 
GLY OXT HXT  sing N N 115 
HIS N   CA   sing N N 116 
HIS N   H    sing N N 117 
HIS N   H2   sing N N 118 
HIS CA  C    sing N N 119 
HIS CA  CB   sing N N 120 
HIS CA  HA   sing N N 121 
HIS C   O    doub N N 122 
HIS C   OXT  sing N N 123 
HIS CB  CG   sing N N 124 
HIS CB  HB2  sing N N 125 
HIS CB  HB3  sing N N 126 
HIS CG  ND1  sing Y N 127 
HIS CG  CD2  doub Y N 128 
HIS ND1 CE1  doub Y N 129 
HIS ND1 HD1  sing N N 130 
HIS CD2 NE2  sing Y N 131 
HIS CD2 HD2  sing N N 132 
HIS CE1 NE2  sing Y N 133 
HIS CE1 HE1  sing N N 134 
HIS NE2 HE2  sing N N 135 
HIS OXT HXT  sing N N 136 
HOH O   H1   sing N N 137 
HOH O   H2   sing N N 138 
ILE N   CA   sing N N 139 
ILE N   H    sing N N 140 
ILE N   H2   sing N N 141 
ILE CA  C    sing N N 142 
ILE CA  CB   sing N N 143 
ILE CA  HA   sing N N 144 
ILE C   O    doub N N 145 
ILE C   OXT  sing N N 146 
ILE CB  CG1  sing N N 147 
ILE CB  CG2  sing N N 148 
ILE CB  HB   sing N N 149 
ILE CG1 CD1  sing N N 150 
ILE CG1 HG12 sing N N 151 
ILE CG1 HG13 sing N N 152 
ILE CG2 HG21 sing N N 153 
ILE CG2 HG22 sing N N 154 
ILE CG2 HG23 sing N N 155 
ILE CD1 HD11 sing N N 156 
ILE CD1 HD12 sing N N 157 
ILE CD1 HD13 sing N N 158 
ILE OXT HXT  sing N N 159 
LEU N   CA   sing N N 160 
LEU N   H    sing N N 161 
LEU N   H2   sing N N 162 
LEU CA  C    sing N N 163 
LEU CA  CB   sing N N 164 
LEU CA  HA   sing N N 165 
LEU C   O    doub N N 166 
LEU C   OXT  sing N N 167 
LEU CB  CG   sing N N 168 
LEU CB  HB2  sing N N 169 
LEU CB  HB3  sing N N 170 
LEU CG  CD1  sing N N 171 
LEU CG  CD2  sing N N 172 
LEU CG  HG   sing N N 173 
LEU CD1 HD11 sing N N 174 
LEU CD1 HD12 sing N N 175 
LEU CD1 HD13 sing N N 176 
LEU CD2 HD21 sing N N 177 
LEU CD2 HD22 sing N N 178 
LEU CD2 HD23 sing N N 179 
LEU OXT HXT  sing N N 180 
LYS N   CA   sing N N 181 
LYS N   H    sing N N 182 
LYS N   H2   sing N N 183 
LYS CA  C    sing N N 184 
LYS CA  CB   sing N N 185 
LYS CA  HA   sing N N 186 
LYS C   O    doub N N 187 
LYS C   OXT  sing N N 188 
LYS CB  CG   sing N N 189 
LYS CB  HB2  sing N N 190 
LYS CB  HB3  sing N N 191 
LYS CG  CD   sing N N 192 
LYS CG  HG2  sing N N 193 
LYS CG  HG3  sing N N 194 
LYS CD  CE   sing N N 195 
LYS CD  HD2  sing N N 196 
LYS CD  HD3  sing N N 197 
LYS CE  NZ   sing N N 198 
LYS CE  HE2  sing N N 199 
LYS CE  HE3  sing N N 200 
LYS NZ  HZ1  sing N N 201 
LYS NZ  HZ2  sing N N 202 
LYS NZ  HZ3  sing N N 203 
LYS OXT HXT  sing N N 204 
MET N   CA   sing N N 205 
MET N   H    sing N N 206 
MET N   H2   sing N N 207 
MET CA  C    sing N N 208 
MET CA  CB   sing N N 209 
MET CA  HA   sing N N 210 
MET C   O    doub N N 211 
MET C   OXT  sing N N 212 
MET CB  CG   sing N N 213 
MET CB  HB2  sing N N 214 
MET CB  HB3  sing N N 215 
MET CG  SD   sing N N 216 
MET CG  HG2  sing N N 217 
MET CG  HG3  sing N N 218 
MET SD  CE   sing N N 219 
MET CE  HE1  sing N N 220 
MET CE  HE2  sing N N 221 
MET CE  HE3  sing N N 222 
MET OXT HXT  sing N N 223 
PHE N   CA   sing N N 224 
PHE N   H    sing N N 225 
PHE N   H2   sing N N 226 
PHE CA  C    sing N N 227 
PHE CA  CB   sing N N 228 
PHE CA  HA   sing N N 229 
PHE C   O    doub N N 230 
PHE C   OXT  sing N N 231 
PHE CB  CG   sing N N 232 
PHE CB  HB2  sing N N 233 
PHE CB  HB3  sing N N 234 
PHE CG  CD1  doub Y N 235 
PHE CG  CD2  sing Y N 236 
PHE CD1 CE1  sing Y N 237 
PHE CD1 HD1  sing N N 238 
PHE CD2 CE2  doub Y N 239 
PHE CD2 HD2  sing N N 240 
PHE CE1 CZ   doub Y N 241 
PHE CE1 HE1  sing N N 242 
PHE CE2 CZ   sing Y N 243 
PHE CE2 HE2  sing N N 244 
PHE CZ  HZ   sing N N 245 
PHE OXT HXT  sing N N 246 
PRO N   CA   sing N N 247 
PRO N   CD   sing N N 248 
PRO N   H    sing N N 249 
PRO CA  C    sing N N 250 
PRO CA  CB   sing N N 251 
PRO CA  HA   sing N N 252 
PRO C   O    doub N N 253 
PRO C   OXT  sing N N 254 
PRO CB  CG   sing N N 255 
PRO CB  HB2  sing N N 256 
PRO CB  HB3  sing N N 257 
PRO CG  CD   sing N N 258 
PRO CG  HG2  sing N N 259 
PRO CG  HG3  sing N N 260 
PRO CD  HD2  sing N N 261 
PRO CD  HD3  sing N N 262 
PRO OXT HXT  sing N N 263 
SER N   CA   sing N N 264 
SER N   H    sing N N 265 
SER N   H2   sing N N 266 
SER CA  C    sing N N 267 
SER CA  CB   sing N N 268 
SER CA  HA   sing N N 269 
SER C   O    doub N N 270 
SER C   OXT  sing N N 271 
SER CB  OG   sing N N 272 
SER CB  HB2  sing N N 273 
SER CB  HB3  sing N N 274 
SER OG  HG   sing N N 275 
SER OXT HXT  sing N N 276 
THR N   CA   sing N N 277 
THR N   H    sing N N 278 
THR N   H2   sing N N 279 
THR CA  C    sing N N 280 
THR CA  CB   sing N N 281 
THR CA  HA   sing N N 282 
THR C   O    doub N N 283 
THR C   OXT  sing N N 284 
THR CB  OG1  sing N N 285 
THR CB  CG2  sing N N 286 
THR CB  HB   sing N N 287 
THR OG1 HG1  sing N N 288 
THR CG2 HG21 sing N N 289 
THR CG2 HG22 sing N N 290 
THR CG2 HG23 sing N N 291 
THR OXT HXT  sing N N 292 
TRP N   CA   sing N N 293 
TRP N   H    sing N N 294 
TRP N   H2   sing N N 295 
TRP CA  C    sing N N 296 
TRP CA  CB   sing N N 297 
TRP CA  HA   sing N N 298 
TRP C   O    doub N N 299 
TRP C   OXT  sing N N 300 
TRP CB  CG   sing N N 301 
TRP CB  HB2  sing N N 302 
TRP CB  HB3  sing N N 303 
TRP CG  CD1  doub Y N 304 
TRP CG  CD2  sing Y N 305 
TRP CD1 NE1  sing Y N 306 
TRP CD1 HD1  sing N N 307 
TRP CD2 CE2  doub Y N 308 
TRP CD2 CE3  sing Y N 309 
TRP NE1 CE2  sing Y N 310 
TRP NE1 HE1  sing N N 311 
TRP CE2 CZ2  sing Y N 312 
TRP CE3 CZ3  doub Y N 313 
TRP CE3 HE3  sing N N 314 
TRP CZ2 CH2  doub Y N 315 
TRP CZ2 HZ2  sing N N 316 
TRP CZ3 CH2  sing Y N 317 
TRP CZ3 HZ3  sing N N 318 
TRP CH2 HH2  sing N N 319 
TRP OXT HXT  sing N N 320 
TYR N   CA   sing N N 321 
TYR N   H    sing N N 322 
TYR N   H2   sing N N 323 
TYR CA  C    sing N N 324 
TYR CA  CB   sing N N 325 
TYR CA  HA   sing N N 326 
TYR C   O    doub N N 327 
TYR C   OXT  sing N N 328 
TYR CB  CG   sing N N 329 
TYR CB  HB2  sing N N 330 
TYR CB  HB3  sing N N 331 
TYR CG  CD1  doub Y N 332 
TYR CG  CD2  sing Y N 333 
TYR CD1 CE1  sing Y N 334 
TYR CD1 HD1  sing N N 335 
TYR CD2 CE2  doub Y N 336 
TYR CD2 HD2  sing N N 337 
TYR CE1 CZ   doub Y N 338 
TYR CE1 HE1  sing N N 339 
TYR CE2 CZ   sing Y N 340 
TYR CE2 HE2  sing N N 341 
TYR CZ  OH   sing N N 342 
TYR OH  HH   sing N N 343 
TYR OXT HXT  sing N N 344 
VAL N   CA   sing N N 345 
VAL N   H    sing N N 346 
VAL N   H2   sing N N 347 
VAL CA  C    sing N N 348 
VAL CA  CB   sing N N 349 
VAL CA  HA   sing N N 350 
VAL C   O    doub N N 351 
VAL C   OXT  sing N N 352 
VAL CB  CG1  sing N N 353 
VAL CB  CG2  sing N N 354 
VAL CB  HB   sing N N 355 
VAL CG1 HG11 sing N N 356 
VAL CG1 HG12 sing N N 357 
VAL CG1 HG13 sing N N 358 
VAL CG2 HG21 sing N N 359 
VAL CG2 HG22 sing N N 360 
VAL CG2 HG23 sing N N 361 
VAL OXT HXT  sing N N 362 
# 
_atom_sites.entry_id                    1VCC 
_atom_sites.fract_transf_matrix[1][1]   -0.00233514 
_atom_sites.fract_transf_matrix[1][2]   -0.03029664 
_atom_sites.fract_transf_matrix[1][3]   0.00507266 
_atom_sites.fract_transf_matrix[2][1]   -0.01487794 
_atom_sites.fract_transf_matrix[2][2]   -0.00188774 
_atom_sites.fract_transf_matrix[2][3]   -0.01812351 
_atom_sites.fract_transf_matrix[3][1]   0.01266859 
_atom_sites.fract_transf_matrix[3][2]   -0.00267115 
_atom_sites.fract_transf_matrix[3][3]   -0.01012167 
_atom_sites.fract_transf_vector[1]      0.764078 
_atom_sites.fract_transf_vector[2]      1.166091 
_atom_sites.fract_transf_vector[3]      1.139013 
# 
loop_
_atom_type.symbol 
C 
N 
O 
S 
# 
loop_
_atom_site.group_PDB 
_atom_site.id 
_atom_site.type_symbol 
_atom_site.label_atom_id 
_atom_site.label_alt_id 
_atom_site.label_comp_id 
_atom_site.label_asym_id 
_atom_site.label_entity_id 
_atom_site.label_seq_id 
_atom_site.pdbx_PDB_ins_code 
_atom_site.Cartn_x 
_atom_site.Cartn_y 
_atom_site.Cartn_z 
_atom_site.occupancy 
_atom_site.B_iso_or_equiv 
_atom_site.pdbx_formal_charge 
_atom_site.auth_seq_id 
_atom_site.auth_comp_id 
_atom_site.auth_asym_id 
_atom_site.auth_atom_id 
_atom_site.pdbx_PDB_model_num 
ATOM   1   N N   . MET A 1 1  ? -8.409  7.097   5.928   1.00 13.06 ? 1   MET A N   1 
ATOM   2   C CA  . MET A 1 1  ? -6.943  7.048   5.656   1.00 12.03 ? 1   MET A CA  1 
ATOM   3   C C   . MET A 1 1  ? -6.611  7.335   4.191   1.00 12.16 ? 1   MET A C   1 
ATOM   4   O O   . MET A 1 1  ? -7.309  6.892   3.262   1.00 10.62 ? 1   MET A O   1 
ATOM   5   C CB  . MET A 1 1  ? -6.350  5.696   6.058   1.00 15.21 ? 1   MET A CB  1 
ATOM   6   C CG  . MET A 1 1  ? -6.334  5.451   7.556   1.00 16.65 ? 1   MET A CG  1 
ATOM   7   S SD  . MET A 1 1  ? -4.935  4.436   7.855   1.00 18.61 ? 1   MET A SD  1 
ATOM   8   C CE  . MET A 1 1  ? -4.641  4.730   9.605   1.00 15.76 ? 1   MET A CE  1 
ATOM   9   N N   . ARG A 1 2  ? -5.544  8.096   3.995   1.00 11.20 ? 2   ARG A N   1 
ATOM   10  C CA  . ARG A 1 2  ? -5.143  8.476   2.661   1.00 10.99 ? 2   ARG A CA  1 
ATOM   11  C C   . ARG A 1 2  ? -4.689  7.287   1.809   1.00 10.80 ? 2   ARG A C   1 
ATOM   12  O O   . ARG A 1 2  ? -3.845  6.484   2.207   1.00 11.00 ? 2   ARG A O   1 
ATOM   13  C CB  . ARG A 1 2  ? -4.083  9.554   2.747   1.00 11.55 ? 2   ARG A CB  1 
ATOM   14  C CG  . ARG A 1 2  ? -3.828  10.268  1.444   1.00 18.75 ? 2   ARG A CG  1 
ATOM   15  C CD  . ARG A 1 2  ? -2.375  10.565  1.379   1.00 25.03 ? 2   ARG A CD  1 
ATOM   16  N NE  . ARG A 1 2  ? -2.115  11.970  1.234   1.00 29.69 ? 2   ARG A NE  1 
ATOM   17  C CZ  . ARG A 1 2  ? -2.395  12.635  0.127   1.00 33.01 ? 2   ARG A CZ  1 
ATOM   18  N NH1 . ARG A 1 2  ? -2.956  12.001  -0.900  1.00 33.72 ? 2   ARG A NH1 1 
ATOM   19  N NH2 . ARG A 1 2  ? -2.042  13.905  0.023   1.00 34.22 ? 2   ARG A NH2 1 
ATOM   20  N N   . ALA A 1 3  ? -5.239  7.244   0.595   1.00 10.80 ? 3   ALA A N   1 
ATOM   21  C CA  . ALA A 1 3  ? -4.956  6.214   -0.372  1.00 7.96  ? 3   ALA A CA  1 
ATOM   22  C C   . ALA A 1 3  ? -3.761  6.615   -1.203  1.00 8.88  ? 3   ALA A C   1 
ATOM   23  O O   . ALA A 1 3  ? -3.841  7.559   -2.009  1.00 8.91  ? 3   ALA A O   1 
ATOM   24  C CB  . ALA A 1 3  ? -6.215  6.051   -1.316  1.00 8.94  ? 3   ALA A CB  1 
ATOM   25  N N   . LEU A 1 4  ? -2.663  5.869   -1.083  1.00 6.36  ? 4   LEU A N   1 
ATOM   26  C CA  . LEU A 1 4  ? -1.463  6.118   -1.879  1.00 5.52  ? 4   LEU A CA  1 
ATOM   27  C C   . LEU A 1 4  ? -1.375  5.077   -2.977  1.00 8.80  ? 4   LEU A C   1 
ATOM   28  O O   . LEU A 1 4  ? -1.858  3.950   -2.808  1.00 9.35  ? 4   LEU A O   1 
ATOM   29  C CB  . LEU A 1 4  ? -0.189  6.056   -1.029  1.00 7.18  ? 4   LEU A CB  1 
ATOM   30  C CG  . LEU A 1 4  ? -0.142  7.070   0.141   1.00 8.59  ? 4   LEU A CG  1 
ATOM   31  C CD1 . LEU A 1 4  ? 1.244   6.962   0.857   1.00 8.44  ? 4   LEU A CD1 1 
ATOM   32  C CD2 . LEU A 1 4  ? -0.381  8.542   -0.354  1.00 6.22  ? 4   LEU A CD2 1 
ATOM   33  N N   . PHE A 1 5  ? -0.776  5.457   -4.098  1.00 9.02  ? 5   PHE A N   1 
ATOM   34  C CA  . PHE A 1 5  ? -0.582  4.564   -5.224  1.00 8.86  ? 5   PHE A CA  1 
ATOM   35  C C   . PHE A 1 5  ? 0.864   4.041   -5.227  1.00 9.16  ? 5   PHE A C   1 
ATOM   36  O O   . PHE A 1 5  ? 1.827   4.785   -4.994  1.00 8.65  ? 5   PHE A O   1 
ATOM   37  C CB  . PHE A 1 5  ? -0.951  5.321   -6.486  1.00 6.85  ? 5   PHE A CB  1 
ATOM   38  C CG  . PHE A 1 5  ? -2.405  5.688   -6.531  1.00 10.84 ? 5   PHE A CG  1 
ATOM   39  C CD1 . PHE A 1 5  ? -3.371  4.719   -6.890  1.00 12.14 ? 5   PHE A CD1 1 
ATOM   40  C CD2 . PHE A 1 5  ? -2.820  6.978   -6.198  1.00 10.69 ? 5   PHE A CD2 1 
ATOM   41  C CE1 . PHE A 1 5  ? -4.736  5.039   -6.921  1.00 13.22 ? 5   PHE A CE1 1 
ATOM   42  C CE2 . PHE A 1 5  ? -4.185  7.318   -6.224  1.00 13.68 ? 5   PHE A CE2 1 
ATOM   43  C CZ  . PHE A 1 5  ? -5.146  6.353   -6.587  1.00 13.20 ? 5   PHE A CZ  1 
ATOM   44  N N   . TYR A 1 6  ? 0.980   2.741   -5.463  1.00 8.28  ? 6   TYR A N   1 
ATOM   45  C CA  . TYR A 1 6  ? 2.232   2.037   -5.437  1.00 9.11  ? 6   TYR A CA  1 
ATOM   46  C C   . TYR A 1 6  ? 2.768   1.544   -6.771  1.00 10.52 ? 6   TYR A C   1 
ATOM   47  O O   . TYR A 1 6  ? 2.045   0.912   -7.569  1.00 9.29  ? 6   TYR A O   1 
ATOM   48  C CB  . TYR A 1 6  ? 2.085   0.822   -4.504  1.00 9.68  ? 6   TYR A CB  1 
ATOM   49  C CG  . TYR A 1 6  ? 3.317   -0.062  -4.447  1.00 10.36 ? 6   TYR A CG  1 
ATOM   50  C CD1 . TYR A 1 6  ? 4.324   0.172   -3.503  1.00 10.96 ? 6   TYR A CD1 1 
ATOM   51  C CD2 . TYR A 1 6  ? 3.441   -1.169  -5.278  1.00 11.44 ? 6   TYR A CD2 1 
ATOM   52  C CE1 . TYR A 1 6  ? 5.423   -0.700  -3.381  1.00 11.55 ? 6   TYR A CE1 1 
ATOM   53  C CE2 . TYR A 1 6  ? 4.542   -2.037  -5.172  1.00 14.55 ? 6   TYR A CE2 1 
ATOM   54  C CZ  . TYR A 1 6  ? 5.525   -1.793  -4.222  1.00 14.22 ? 6   TYR A CZ  1 
ATOM   55  O OH  . TYR A 1 6  ? 6.627   -2.608  -4.175  1.00 15.26 ? 6   TYR A OH  1 
ATOM   56  N N   . LYS A 1 7  ? 4.066   1.762   -6.957  1.00 10.60 ? 7   LYS A N   1 
ATOM   57  C CA  . LYS A 1 7  ? 4.758   1.288   -8.140  1.00 12.18 ? 7   LYS A CA  1 
ATOM   58  C C   . LYS A 1 7  ? 6.274   1.131   -7.941  1.00 12.11 ? 7   LYS A C   1 
ATOM   59  O O   . LYS A 1 7  ? 6.981   2.088   -7.642  1.00 11.47 ? 7   LYS A O   1 
ATOM   60  C CB  . LYS A 1 7  ? 4.446   2.184   -9.343  1.00 13.49 ? 7   LYS A CB  1 
ATOM   61  C CG  . LYS A 1 7  ? 5.297   1.915   -10.570 1.00 16.25 ? 7   LYS A CG  1 
ATOM   62  C CD  . LYS A 1 7  ? 5.174   3.097   -11.542 1.00 21.20 ? 7   LYS A CD  1 
ATOM   63  C CE  . LYS A 1 7  ? 6.218   3.034   -12.599 1.00 25.11 ? 7   LYS A CE  1 
ATOM   64  N NZ  . LYS A 1 7  ? 6.001   1.856   -13.507 1.00 29.02 ? 7   LYS A NZ  1 
ATOM   65  N N   . ASP A 1 8  ? 6.740   -0.108  -8.051  1.00 12.11 ? 8   ASP A N   1 
ATOM   66  C CA  . ASP A 1 8  ? 8.144   -0.417  -7.955  1.00 15.27 ? 8   ASP A CA  1 
ATOM   67  C C   . ASP A 1 8  ? 8.821   0.167   -6.702  1.00 14.68 ? 8   ASP A C   1 
ATOM   68  O O   . ASP A 1 8  ? 9.864   0.821   -6.790  1.00 13.44 ? 8   ASP A O   1 
ATOM   69  C CB  . ASP A 1 8  ? 8.833   0.062   -9.245  1.00 19.15 ? 8   ASP A CB  1 
ATOM   70  C CG  . ASP A 1 8  ? 10.343  -0.301  -9.305  1.00 26.63 ? 8   ASP A CG  1 
ATOM   71  O OD1 . ASP A 1 8  ? 10.704  -1.448  -8.899  1.00 29.74 ? 8   ASP A OD1 1 
ATOM   72  O OD2 . ASP A 1 8  ? 11.153  0.550   -9.788  1.00 28.86 ? 8   ASP A OD2 1 
ATOM   73  N N   . GLY A 1 9  ? 8.184   -0.048  -5.549  1.00 15.73 ? 9   GLY A N   1 
ATOM   74  C CA  . GLY A 1 9  ? 8.728   0.404   -4.280  1.00 13.83 ? 9   GLY A CA  1 
ATOM   75  C C   . GLY A 1 9  ? 8.500   1.837   -3.894  1.00 16.07 ? 9   GLY A C   1 
ATOM   76  O O   . GLY A 1 9  ? 8.801   2.227   -2.742  1.00 14.61 ? 9   GLY A O   1 
ATOM   77  N N   . LYS A 1 10 ? 7.969   2.630   -4.827  1.00 12.38 ? 10  LYS A N   1 
ATOM   78  C CA  . LYS A 1 10 ? 7.736   4.030   -4.544  1.00 12.03 ? 10  LYS A CA  1 
ATOM   79  C C   . LYS A 1 10 ? 6.256   4.311   -4.398  1.00 10.61 ? 10  LYS A C   1 
ATOM   80  O O   . LYS A 1 10 ? 5.406   3.543   -4.874  1.00 8.29  ? 10  LYS A O   1 
ATOM   81  C CB  . LYS A 1 10 ? 8.386   4.921   -5.616  1.00 12.30 ? 10  LYS A CB  1 
ATOM   82  C CG  . LYS A 1 10 ? 9.909   4.726   -5.743  1.00 16.24 ? 10  LYS A CG  1 
ATOM   83  C CD  . LYS A 1 10 ? 10.643  4.706   -4.365  1.00 23.54 ? 10  LYS A CD  1 
ATOM   84  C CE  . LYS A 1 10 ? 10.526  6.053   -3.604  1.00 25.55 ? 10  LYS A CE  1 
ATOM   85  N NZ  . LYS A 1 10 ? 10.884  5.984   -2.135  1.00 30.44 ? 10  LYS A NZ  1 
ATOM   86  N N   . LEU A 1 11 ? 5.955   5.411   -3.741  1.00 8.78  ? 11  LEU A N   1 
ATOM   87  C CA  . LEU A 1 11 ? 4.588   5.791   -3.478  1.00 9.63  ? 11  LEU A CA  1 
ATOM   88  C C   . LEU A 1 11 ? 4.251   7.138   -4.102  1.00 9.50  ? 11  LEU A C   1 
ATOM   89  O O   . LEU A 1 11 ? 5.078   8.043   -4.160  1.00 7.76  ? 11  LEU A O   1 
ATOM   90  C CB  . LEU A 1 11 ? 4.290   5.805   -1.974  1.00 9.06  ? 11  LEU A CB  1 
ATOM   91  C CG  . LEU A 1 11 ? 4.307   4.418   -1.288  1.00 10.04 ? 11  LEU A CG  1 
ATOM   92  C CD1 . LEU A 1 11 ? 4.406   4.649   0.205   1.00 9.11  ? 11  LEU A CD1 1 
ATOM   93  C CD2 . LEU A 1 11 ? 3.050   3.629   -1.573  1.00 10.26 ? 11  LEU A CD2 1 
ATOM   94  N N   . PHE A 1 12 ? 2.999   7.260   -4.549  1.00 8.96  ? 12  PHE A N   1 
ATOM   95  C CA  . PHE A 1 12 ? 2.529   8.479   -5.235  1.00 8.21  ? 12  PHE A CA  1 
ATOM   96  C C   . PHE A 1 12 ? 1.134   8.873   -4.787  1.00 7.05  ? 12  PHE A C   1 
ATOM   97  O O   . PHE A 1 12 ? 0.403   8.012   -4.308  1.00 6.98  ? 12  PHE A O   1 
ATOM   98  C CB  . PHE A 1 12 ? 2.521   8.165   -6.747  1.00 8.88  ? 12  PHE A CB  1 
ATOM   99  C CG  . PHE A 1 12 ? 3.846   7.696   -7.262  1.00 6.76  ? 12  PHE A CG  1 
ATOM   100 C CD1 . PHE A 1 12 ? 4.186   6.356   -7.234  1.00 5.51  ? 12  PHE A CD1 1 
ATOM   101 C CD2 . PHE A 1 12 ? 4.767   8.617   -7.770  1.00 5.97  ? 12  PHE A CD2 1 
ATOM   102 C CE1 . PHE A 1 12 ? 5.423   5.938   -7.710  1.00 7.33  ? 12  PHE A CE1 1 
ATOM   103 C CE2 . PHE A 1 12 ? 5.997   8.218   -8.236  1.00 7.80  ? 12  PHE A CE2 1 
ATOM   104 C CZ  . PHE A 1 12 ? 6.332   6.860   -8.211  1.00 6.66  ? 12  PHE A CZ  1 
ATOM   105 N N   . THR A 1 13 ? 0.753   10.158  -4.914  1.00 7.24  ? 13  THR A N   1 
ATOM   106 C CA  . THR A 1 13 ? -0.590  10.554  -4.517  1.00 10.07 ? 13  THR A CA  1 
ATOM   107 C C   . THR A 1 13 ? -1.594  10.331  -5.664  1.00 10.69 ? 13  THR A C   1 
ATOM   108 O O   . THR A 1 13 ? -2.803  10.270  -5.462  1.00 13.85 ? 13  THR A O   1 
ATOM   109 C CB  . THR A 1 13 ? -0.656  12.032  -4.087  1.00 11.17 ? 13  THR A CB  1 
ATOM   110 O OG1 . THR A 1 13 ? -0.011  12.813  -5.095  1.00 17.94 ? 13  THR A OG1 1 
ATOM   111 C CG2 . THR A 1 13 ? 0.114   12.247  -2.800  1.00 14.65 ? 13  THR A CG2 1 
ATOM   112 N N   . ASP A 1 14 ? -1.099  10.120  -6.870  1.00 13.00 ? 14  ASP A N   1 
ATOM   113 C CA  . ASP A 1 14 ? -2.020  9.949   -8.005  1.00 10.58 ? 14  ASP A CA  1 
ATOM   114 C C   . ASP A 1 14 ? -1.850  8.588   -8.643  1.00 11.42 ? 14  ASP A C   1 
ATOM   115 O O   . ASP A 1 14 ? -0.746  8.020   -8.619  1.00 9.09  ? 14  ASP A O   1 
ATOM   116 C CB  . ASP A 1 14 ? -1.746  11.042  -9.043  1.00 12.07 ? 14  ASP A CB  1 
ATOM   117 C CG  . ASP A 1 14 ? -0.322  10.984  -9.573  1.00 12.69 ? 14  ASP A CG  1 
ATOM   118 O OD1 . ASP A 1 14 ? 0.644   10.958  -8.765  1.00 13.29 ? 14  ASP A OD1 1 
ATOM   119 O OD2 . ASP A 1 14 ? -0.158  10.866  -10.801 1.00 15.36 ? 14  ASP A OD2 1 
ATOM   120 N N   . ASN A 1 15 ? -2.901  8.105   -9.315  1.00 11.79 ? 15  ASN A N   1 
ATOM   121 C CA  . ASN A 1 15 ? -2.844  6.780   -9.937  1.00 13.75 ? 15  ASN A CA  1 
ATOM   122 C C   . ASN A 1 15 ? -1.970  6.648   -11.167 1.00 11.42 ? 15  ASN A C   1 
ATOM   123 O O   . ASN A 1 15 ? -1.700  5.554   -11.588 1.00 10.71 ? 15  ASN A O   1 
ATOM   124 C CB  . ASN A 1 15 ? -4.255  6.238   -10.231 1.00 18.02 ? 15  ASN A CB  1 
ATOM   125 C CG  . ASN A 1 15 ? -4.943  6.976   -11.330 1.00 19.42 ? 15  ASN A CG  1 
ATOM   126 O OD1 . ASN A 1 15 ? -5.196  8.169   -11.225 1.00 23.05 ? 15  ASN A OD1 1 
ATOM   127 N ND2 . ASN A 1 15 ? -5.258  6.270   -12.406 1.00 21.88 ? 15  ASN A ND2 1 
ATOM   128 N N   . ASN A 1 16 ? -1.478  7.767   -11.688 1.00 12.05 ? 16  ASN A N   1 
ATOM   129 C CA  . ASN A 1 16 ? -0.596  7.793   -12.849 1.00 11.06 ? 16  ASN A CA  1 
ATOM   130 C C   . ASN A 1 16 ? 0.866   7.837   -12.426 1.00 13.05 ? 16  ASN A C   1 
ATOM   131 O O   . ASN A 1 16 ? 1.746   7.783   -13.286 1.00 13.10 ? 16  ASN A O   1 
ATOM   132 C CB  . ASN A 1 16 ? -0.896  9.013   -13.716 1.00 13.25 ? 16  ASN A CB  1 
ATOM   133 C CG  . ASN A 1 16 ? -2.192  8.872   -14.504 1.00 15.80 ? 16  ASN A CG  1 
ATOM   134 O OD1 . ASN A 1 16 ? -2.454  7.829   -15.147 1.00 17.32 ? 16  ASN A OD1 1 
ATOM   135 N ND2 . ASN A 1 16 ? -2.979  9.930   -14.515 1.00 16.61 ? 16  ASN A ND2 1 
ATOM   136 N N   . PHE A 1 17 ? 1.141   7.914   -11.107 1.00 11.41 ? 17  PHE A N   1 
ATOM   137 C CA  . PHE A 1 17 ? 2.518   7.916   -10.614 1.00 9.71  ? 17  PHE A CA  1 
ATOM   138 C C   . PHE A 1 17 ? 3.353   9.133   -11.071 1.00 10.69 ? 17  PHE A C   1 
ATOM   139 O O   . PHE A 1 17 ? 4.558   9.008   -11.324 1.00 12.45 ? 17  PHE A O   1 
ATOM   140 C CB  . PHE A 1 17 ? 3.226   6.659   -11.066 1.00 10.77 ? 17  PHE A CB  1 
ATOM   141 C CG  . PHE A 1 17 ? 2.412   5.405   -10.908 1.00 11.23 ? 17  PHE A CG  1 
ATOM   142 C CD1 . PHE A 1 17 ? 2.004   4.981   -9.641  1.00 12.84 ? 17  PHE A CD1 1 
ATOM   143 C CD2 . PHE A 1 17 ? 2.023   4.657   -12.019 1.00 10.81 ? 17  PHE A CD2 1 
ATOM   144 C CE1 . PHE A 1 17 ? 1.208   3.816   -9.465  1.00 12.27 ? 17  PHE A CE1 1 
ATOM   145 C CE2 . PHE A 1 17 ? 1.232   3.487   -11.855 1.00 12.58 ? 17  PHE A CE2 1 
ATOM   146 C CZ  . PHE A 1 17 ? 0.822   3.074   -10.562 1.00 11.93 ? 17  PHE A CZ  1 
ATOM   147 N N   . LEU A 1 18 ? 2.729   10.305  -11.157 1.00 10.21 ? 18  LEU A N   1 
ATOM   148 C CA  . LEU A 1 18 ? 3.424   11.517  -11.557 1.00 11.10 ? 18  LEU A CA  1 
ATOM   149 C C   . LEU A 1 18 ? 3.747   12.426  -10.398 1.00 12.16 ? 18  LEU A C   1 
ATOM   150 O O   . LEU A 1 18 ? 4.493   13.393  -10.571 1.00 15.29 ? 18  LEU A O   1 
ATOM   151 C CB  . LEU A 1 18 ? 2.581   12.326  -12.537 1.00 11.65 ? 18  LEU A CB  1 
ATOM   152 C CG  . LEU A 1 18 ? 2.012   11.621  -13.792 1.00 14.31 ? 18  LEU A CG  1 
ATOM   153 C CD1 . LEU A 1 18 ? 1.190   12.615  -14.576 1.00 12.46 ? 18  LEU A CD1 1 
ATOM   154 C CD2 . LEU A 1 18 ? 3.139   10.951  -14.662 1.00 15.19 ? 18  LEU A CD2 1 
ATOM   155 N N   . ASN A 1 19 ? 3.102   12.222  -9.250  1.00 13.89 ? 19  ASN A N   1 
ATOM   156 C CA  . ASN A 1 19 ? 3.355   13.079  -8.075  1.00 13.03 ? 19  ASN A CA  1 
ATOM   157 C C   . ASN A 1 19 ? 3.837   12.230  -6.896  1.00 12.46 ? 19  ASN A C   1 
ATOM   158 O O   . ASN A 1 19 ? 3.034   11.714  -6.123  1.00 10.29 ? 19  ASN A O   1 
ATOM   159 C CB  . ASN A 1 19 ? 2.101   13.804  -7.650  1.00 17.93 ? 19  ASN A CB  1 
ATOM   160 C CG  . ASN A 1 19 ? 1.312   14.311  -8.827  1.00 26.21 ? 19  ASN A CG  1 
ATOM   161 O OD1 . ASN A 1 19 ? 1.891   14.745  -9.853  1.00 28.79 ? 19  ASN A OD1 1 
ATOM   162 N ND2 . ASN A 1 19 ? -0.023  14.230  -8.720  1.00 28.36 ? 19  ASN A ND2 1 
ATOM   163 N N   . PRO A 1 20 ? 5.158   12.084  -6.759  1.00 13.64 ? 20  PRO A N   1 
ATOM   164 C CA  . PRO A 1 20 ? 5.768   11.303  -5.676  1.00 11.74 ? 20  PRO A CA  1 
ATOM   165 C C   . PRO A 1 20 ? 5.402   11.852  -4.316  1.00 10.17 ? 20  PRO A C   1 
ATOM   166 O O   . PRO A 1 20 ? 5.263   13.067  -4.136  1.00 10.51 ? 20  PRO A O   1 
ATOM   167 C CB  . PRO A 1 20 ? 7.268   11.447  -5.946  1.00 15.45 ? 20  PRO A CB  1 
ATOM   168 C CG  . PRO A 1 20 ? 7.370   12.773  -6.624  1.00 17.80 ? 20  PRO A CG  1 
ATOM   169 C CD  . PRO A 1 20 ? 6.184   12.723  -7.599  1.00 14.03 ? 20  PRO A CD  1 
ATOM   170 N N   . VAL A 1 21 ? 5.203   10.944  -3.373  1.00 7.68  ? 21  VAL A N   1 
ATOM   171 C CA  . VAL A 1 21 ? 4.893   11.286  -2.015  1.00 8.59  ? 21  VAL A CA  1 
ATOM   172 C C   . VAL A 1 21 ? 6.292   11.707  -1.431  1.00 8.78  ? 21  VAL A C   1 
ATOM   173 O O   . VAL A 1 21 ? 7.328   11.509  -2.062  1.00 6.09  ? 21  VAL A O   1 
ATOM   174 C CB  . VAL A 1 21 ? 4.268   9.995   -1.398  1.00 11.50 ? 21  VAL A CB  1 
ATOM   175 C CG1 . VAL A 1 21 ? 5.259   9.161   -0.629  1.00 9.11  ? 21  VAL A CG1 1 
ATOM   176 C CG2 . VAL A 1 21 ? 2.948   10.246  -0.765  1.00 15.51 ? 21  VAL A CG2 1 
ATOM   177 N N   . SER A 1 22 ? 6.307   12.417  -0.307  1.00 11.84 ? 22  SER A N   1 
ATOM   178 C CA  . SER A 1 22 ? 7.590   12.817  0.299   1.00 13.02 ? 22  SER A CA  1 
ATOM   179 C C   . SER A 1 22 ? 8.340   11.562  0.738   1.00 10.18 ? 22  SER A C   1 
ATOM   180 O O   . SER A 1 22 ? 7.702   10.623  1.223   1.00 9.18  ? 22  SER A O   1 
ATOM   181 C CB  . SER A 1 22 ? 7.348   13.731  1.499   1.00 16.49 ? 22  SER A CB  1 
ATOM   182 O OG  . SER A 1 22 ? 8.594   14.230  1.990   1.00 23.00 ? 22  SER A OG  1 
ATOM   183 N N   . ASP A 1 23 ? 9.682   11.562  0.634   1.00 10.00 ? 23  ASP A N   1 
ATOM   184 C CA  . ASP A 1 23 ? 10.468  10.392  1.046   1.00 11.56 ? 23  ASP A CA  1 
ATOM   185 C C   . ASP A 1 23 ? 10.335  9.993   2.528   1.00 11.83 ? 23  ASP A C   1 
ATOM   186 O O   . ASP A 1 23 ? 10.617  8.830   2.873   1.00 10.33 ? 23  ASP A O   1 
ATOM   187 C CB  . ASP A 1 23 ? 11.931  10.496  0.635   1.00 14.49 ? 23  ASP A CB  1 
ATOM   188 C CG  . ASP A 1 23 ? 12.138  10.300  -0.881  1.00 20.61 ? 23  ASP A CG  1 
ATOM   189 O OD1 . ASP A 1 23 ? 11.392  9.498   -1.526  1.00 17.45 ? 23  ASP A OD1 1 
ATOM   190 O OD2 . ASP A 1 23 ? 13.060  10.960  -1.418  1.00 23.07 ? 23  ASP A OD2 1 
ATOM   191 N N   . ASP A 1 24 ? 9.860   10.903  3.379   1.00 9.05  ? 24  ASP A N   1 
ATOM   192 C CA  . ASP A 1 24 ? 9.637   10.557  4.781   1.00 12.06 ? 24  ASP A CA  1 
ATOM   193 C C   . ASP A 1 24 ? 8.186   10.115  5.065   1.00 10.74 ? 24  ASP A C   1 
ATOM   194 O O   . ASP A 1 24 ? 7.727   10.054  6.209   1.00 8.63  ? 24  ASP A O   1 
ATOM   195 C CB  . ASP A 1 24 ? 10.045  11.702  5.728   1.00 14.94 ? 24  ASP A CB  1 
ATOM   196 C CG  . ASP A 1 24 ? 9.055   12.839  5.744   1.00 20.81 ? 24  ASP A CG  1 
ATOM   197 O OD1 . ASP A 1 24 ? 8.187   12.938  4.831   1.00 18.34 ? 24  ASP A OD1 1 
ATOM   198 O OD2 . ASP A 1 24 ? 9.153   13.652  6.698   1.00 26.18 ? 24  ASP A OD2 1 
ATOM   199 N N   . ASN A 1 25 ? 7.439   9.831   4.007   1.00 8.69  ? 25  ASN A N   1 
ATOM   200 C CA  . ASN A 1 25 ? 6.066   9.390   4.201   1.00 9.19  ? 25  ASN A CA  1 
ATOM   201 C C   . ASN A 1 25 ? 6.064   8.154   5.142   1.00 8.62  ? 25  ASN A C   1 
ATOM   202 O O   . ASN A 1 25 ? 6.876   7.230   4.968   1.00 10.32 ? 25  ASN A O   1 
ATOM   203 C CB  . ASN A 1 25 ? 5.450   9.013   2.826   1.00 9.44  ? 25  ASN A CB  1 
ATOM   204 C CG  . ASN A 1 25 ? 3.964   8.809   2.892   1.00 10.85 ? 25  ASN A CG  1 
ATOM   205 O OD1 . ASN A 1 25 ? 3.199   9.658   2.426   1.00 12.74 ? 25  ASN A OD1 1 
ATOM   206 N ND2 . ASN A 1 25 ? 3.537   7.706   3.448   1.00 3.28  ? 25  ASN A ND2 1 
ATOM   207 N N   . PRO A 1 26 ? 5.144   8.120   6.114   1.00 8.41  ? 26  PRO A N   1 
ATOM   208 C CA  . PRO A 1 26 ? 5.054   6.995   7.055   1.00 8.96  ? 26  PRO A CA  1 
ATOM   209 C C   . PRO A 1 26 ? 4.867   5.609   6.466   1.00 10.41 ? 26  PRO A C   1 
ATOM   210 O O   . PRO A 1 26 ? 5.275   4.597   7.080   1.00 9.80  ? 26  PRO A O   1 
ATOM   211 C CB  . PRO A 1 26 ? 3.908   7.382   7.996   1.00 12.41 ? 26  PRO A CB  1 
ATOM   212 C CG  . PRO A 1 26 ? 3.169   8.455   7.285   1.00 11.45 ? 26  PRO A CG  1 
ATOM   213 C CD  . PRO A 1 26 ? 4.171   9.178   6.444   1.00 7.39  ? 26  PRO A CD  1 
ATOM   214 N N   . ALA A 1 27 ? 4.195   5.549   5.303   1.00 10.65 ? 27  ALA A N   1 
ATOM   215 C CA  . ALA A 1 27 ? 3.949   4.282   4.607   1.00 8.61  ? 27  ALA A CA  1 
ATOM   216 C C   . ALA A 1 27 ? 5.236   3.576   4.120   1.00 7.09  ? 27  ALA A C   1 
ATOM   217 O O   . ALA A 1 27 ? 5.269   2.329   3.938   1.00 8.31  ? 27  ALA A O   1 
ATOM   218 C CB  . ALA A 1 27 ? 2.952   4.466   3.475   1.00 9.82  ? 27  ALA A CB  1 
ATOM   219 N N   . TYR A 1 28 ? 6.310   4.331   3.906   1.00 7.74  ? 28  TYR A N   1 
ATOM   220 C CA  . TYR A 1 28 ? 7.591   3.676   3.542   1.00 7.55  ? 28  TYR A CA  1 
ATOM   221 C C   . TYR A 1 28 ? 8.039   2.703   4.659   1.00 5.98  ? 28  TYR A C   1 
ATOM   222 O O   . TYR A 1 28 ? 8.619   1.663   4.375   1.00 7.42  ? 28  TYR A O   1 
ATOM   223 C CB  . TYR A 1 28 ? 8.660   4.689   3.212   1.00 9.25  ? 28  TYR A CB  1 
ATOM   224 C CG  . TYR A 1 28 ? 8.462   5.245   1.817   1.00 8.53  ? 28  TYR A CG  1 
ATOM   225 C CD1 . TYR A 1 28 ? 8.457   4.384   0.721   1.00 10.36 ? 28  TYR A CD1 1 
ATOM   226 C CD2 . TYR A 1 28 ? 8.328   6.624   1.605   1.00 7.79  ? 28  TYR A CD2 1 
ATOM   227 C CE1 . TYR A 1 28 ? 8.327   4.893   -0.596  1.00 10.90 ? 28  TYR A CE1 1 
ATOM   228 C CE2 . TYR A 1 28 ? 8.197   7.142   0.332   1.00 6.66  ? 28  TYR A CE2 1 
ATOM   229 C CZ  . TYR A 1 28 ? 8.194   6.271   -0.760  1.00 11.31 ? 28  TYR A CZ  1 
ATOM   230 O OH  . TYR A 1 28 ? 8.040   6.751   -2.028  1.00 11.63 ? 28  TYR A OH  1 
ATOM   231 N N   . GLU A 1 29 ? 7.714   3.000   5.909   1.00 6.34  ? 29  GLU A N   1 
ATOM   232 C CA  . GLU A 1 29 ? 8.057   2.042   6.958   1.00 8.40  ? 29  GLU A CA  1 
ATOM   233 C C   . GLU A 1 29 ? 7.248   0.772   6.819   1.00 7.18  ? 29  GLU A C   1 
ATOM   234 O O   . GLU A 1 29 ? 7.745   -0.356  7.017   1.00 6.50  ? 29  GLU A O   1 
ATOM   235 C CB  . GLU A 1 29 ? 7.827   2.633   8.342   1.00 13.22 ? 29  GLU A CB  1 
ATOM   236 C CG  . GLU A 1 29 ? 8.510   1.780   9.433   1.00 14.72 ? 29  GLU A CG  1 
ATOM   237 C CD  . GLU A 1 29 ? 8.132   2.188   10.844  1.00 16.60 ? 29  GLU A CD  1 
ATOM   238 O OE1 . GLU A 1 29 ? 7.248   3.088   10.998  1.00 18.05 ? 29  GLU A OE1 1 
ATOM   239 O OE2 . GLU A 1 29 ? 8.688   1.551   11.784  1.00 16.74 ? 29  GLU A OE2 1 
ATOM   240 N N   . VAL A 1 30 ? 5.965   0.956   6.504   1.00 7.52  ? 30  VAL A N   1 
ATOM   241 C CA  . VAL A 1 30 ? 5.039   -0.181  6.272   1.00 6.74  ? 30  VAL A CA  1 
ATOM   242 C C   . VAL A 1 30 ? 5.606   -1.030  5.102   1.00 5.90  ? 30  VAL A C   1 
ATOM   243 O O   . VAL A 1 30 ? 5.700   -2.279  5.189   1.00 6.46  ? 30  VAL A O   1 
ATOM   244 C CB  . VAL A 1 30 ? 3.617   0.366   5.879   1.00 6.01  ? 30  VAL A CB  1 
ATOM   245 C CG1 . VAL A 1 30 ? 2.723   -0.763  5.427   1.00 8.49  ? 30  VAL A CG1 1 
ATOM   246 C CG2 . VAL A 1 30 ? 2.959   1.072   7.050   1.00 6.57  ? 30  VAL A CG2 1 
ATOM   247 N N   . LEU A 1 31 ? 6.038   -0.351  4.031   1.00 6.19  ? 31  LEU A N   1 
ATOM   248 C CA  . LEU A 1 31 ? 6.582   -1.049  2.867   1.00 6.98  ? 31  LEU A CA  1 
ATOM   249 C C   . LEU A 1 31 ? 7.916   -1.791  3.101   1.00 9.75  ? 31  LEU A C   1 
ATOM   250 O O   . LEU A 1 31 ? 8.292   -2.730  2.369   1.00 10.04 ? 31  LEU A O   1 
ATOM   251 C CB  . LEU A 1 31 ? 6.686   -0.100  1.673   1.00 9.45  ? 31  LEU A CB  1 
ATOM   252 C CG  . LEU A 1 31 ? 5.348   0.370   1.061   1.00 8.90  ? 31  LEU A CG  1 
ATOM   253 C CD1 . LEU A 1 31 ? 5.696   1.245   -0.153  1.00 8.42  ? 31  LEU A CD1 1 
ATOM   254 C CD2 . LEU A 1 31 ? 4.475   -0.826  0.664   1.00 10.45 ? 31  LEU A CD2 1 
ATOM   255 N N   . GLN A 1 32 ? 8.628   -1.395  4.147   1.00 7.22  ? 32  GLN A N   1 
ATOM   256 C CA  . GLN A 1 32 ? 9.878   -2.058  4.457   1.00 7.85  ? 32  GLN A CA  1 
ATOM   257 C C   . GLN A 1 32 ? 9.544   -3.447  4.986   1.00 10.01 ? 32  GLN A C   1 
ATOM   258 O O   . GLN A 1 32 ? 10.316  -4.394  4.796   1.00 10.27 ? 32  GLN A O   1 
ATOM   259 C CB  . GLN A 1 32 ? 10.609  -1.272  5.540   1.00 8.03  ? 32  GLN A CB  1 
ATOM   260 C CG  . GLN A 1 32 ? 11.999  -1.786  5.862   1.00 9.67  ? 32  GLN A CG  1 
ATOM   261 C CD  . GLN A 1 32 ? 12.651  -1.020  7.009   1.00 9.11  ? 32  GLN A CD  1 
ATOM   262 O OE1 . GLN A 1 32 ? 12.013  -0.709  8.013   1.00 11.71 ? 32  GLN A OE1 1 
ATOM   263 N NE2 . GLN A 1 32 ? 13.940  -0.753  6.872   1.00 13.58 ? 32  GLN A NE2 1 
ATOM   264 N N   . HIS A 1 33 ? 8.424   -3.557  5.694   1.00 8.94  ? 33  HIS A N   1 
ATOM   265 C CA  . HIS A 1 33 ? 7.994   -4.810  6.266   1.00 10.41 ? 33  HIS A CA  1 
ATOM   266 C C   . HIS A 1 33 ? 7.011   -5.667  5.466   1.00 14.76 ? 33  HIS A C   1 
ATOM   267 O O   . HIS A 1 33 ? 6.964   -6.896  5.641   1.00 14.63 ? 33  HIS A O   1 
ATOM   268 C CB  . HIS A 1 33 ? 7.365   -4.544  7.612   1.00 10.31 ? 33  HIS A CB  1 
ATOM   269 C CG  . HIS A 1 33 ? 8.351   -4.156  8.666   1.00 12.35 ? 33  HIS A CG  1 
ATOM   270 N ND1 . HIS A 1 33 ? 8.717   -2.841  8.910   1.00 13.67 ? 33  HIS A ND1 1 
ATOM   271 C CD2 . HIS A 1 33 ? 9.078   -4.915  9.516   1.00 11.22 ? 33  HIS A CD2 1 
ATOM   272 C CE1 . HIS A 1 33 ? 9.635   -2.808  9.863   1.00 10.45 ? 33  HIS A CE1 1 
ATOM   273 N NE2 . HIS A 1 33 ? 9.870   -4.056  10.249  1.00 13.04 ? 33  HIS A NE2 1 
ATOM   274 N N   . VAL A 1 34 ? 6.212   -5.021  4.616   1.00 12.63 ? 34  VAL A N   1 
ATOM   275 C CA  . VAL A 1 34 ? 5.171   -5.709  3.871   1.00 12.73 ? 34  VAL A CA  1 
ATOM   276 C C   . VAL A 1 34 ? 5.521   -5.934  2.388   1.00 12.00 ? 34  VAL A C   1 
ATOM   277 O O   . VAL A 1 34 ? 5.944   -5.016  1.690   1.00 12.71 ? 34  VAL A O   1 
ATOM   278 C CB  . VAL A 1 34 ? 3.853   -4.857  3.980   1.00 11.56 ? 34  VAL A CB  1 
ATOM   279 C CG1 . VAL A 1 34 ? 2.735   -5.457  3.156   1.00 14.36 ? 34  VAL A CG1 1 
ATOM   280 C CG2 . VAL A 1 34 ? 3.419   -4.675  5.460   1.00 13.30 ? 34  VAL A CG2 1 
ATOM   281 N N   . LYS A 1 35 ? 5.377   -7.174  1.932   1.00 13.55 ? 35  LYS A N   1 
ATOM   282 C CA  . LYS A 1 35 ? 5.618   -7.515  0.545   1.00 11.26 ? 35  LYS A CA  1 
ATOM   283 C C   . LYS A 1 35 ? 4.299   -7.358  -0.222  1.00 10.63 ? 35  LYS A C   1 
ATOM   284 O O   . LYS A 1 35 ? 3.243   -7.804  0.232   1.00 11.54 ? 35  LYS A O   1 
ATOM   285 C CB  . LYS A 1 35 ? 6.094   -8.965  0.445   1.00 16.60 ? 35  LYS A CB  1 
ATOM   286 C CG  . LYS A 1 35 ? 6.341   -9.450  -0.983  1.00 19.59 ? 35  LYS A CG  1 
ATOM   287 C CD  . LYS A 1 35 ? 6.601   -10.936 -0.957  1.00 25.17 ? 35  LYS A CD  1 
ATOM   288 C CE  . LYS A 1 35 ? 8.099   -11.256 -0.974  1.00 29.08 ? 35  LYS A CE  1 
ATOM   289 N NZ  . LYS A 1 35 ? 8.583   -11.487 -2.374  1.00 30.87 ? 35  LYS A NZ  1 
ATOM   290 N N   . ILE A 1 36 ? 4.395   -6.755  -1.392  1.00 9.85  ? 36  ILE A N   1 
ATOM   291 C CA  . ILE A 1 36 ? 3.270   -6.514  -2.270  1.00 8.57  ? 36  ILE A CA  1 
ATOM   292 C C   . ILE A 1 36 ? 3.374   -7.548  -3.355  1.00 8.51  ? 36  ILE A C   1 
ATOM   293 O O   . ILE A 1 36 ? 4.330   -7.546  -4.126  1.00 11.15 ? 36  ILE A O   1 
ATOM   294 C CB  . ILE A 1 36 ? 3.362   -5.104  -2.952  1.00 10.28 ? 36  ILE A CB  1 
ATOM   295 C CG1 . ILE A 1 36 ? 3.433   -3.962  -1.921  1.00 9.36  ? 36  ILE A CG1 1 
ATOM   296 C CG2 . ILE A 1 36 ? 2.091   -4.860  -3.844  1.00 9.67  ? 36  ILE A CG2 1 
ATOM   297 C CD1 . ILE A 1 36 ? 2.335   -3.956  -0.883  1.00 7.84  ? 36  ILE A CD1 1 
ATOM   298 N N   . PRO A 1 37 ? 2.390   -8.458  -3.452  1.00 9.38  ? 37  PRO A N   1 
ATOM   299 C CA  . PRO A 1 37 ? 2.437   -9.492  -4.515  1.00 10.41 ? 37  PRO A CA  1 
ATOM   300 C C   . PRO A 1 37 ? 2.524   -8.836  -5.936  1.00 10.55 ? 37  PRO A C   1 
ATOM   301 O O   . PRO A 1 37 ? 1.720   -7.970  -6.321  1.00 9.47  ? 37  PRO A O   1 
ATOM   302 C CB  . PRO A 1 37 ? 1.171   -10.288 -4.284  1.00 10.28 ? 37  PRO A CB  1 
ATOM   303 C CG  . PRO A 1 37 ? 0.905   -10.161 -2.761  1.00 11.03 ? 37  PRO A CG  1 
ATOM   304 C CD  . PRO A 1 37 ? 1.258   -8.669  -2.519  1.00 9.59  ? 37  PRO A CD  1 
ATOM   305 N N   . THR A 1 38 ? 3.521   -9.288  -6.694  1.00 11.63 ? 38  THR A N   1 
ATOM   306 C CA  . THR A 1 38 ? 3.850   -8.750  -8.021  1.00 10.87 ? 38  THR A CA  1 
ATOM   307 C C   . THR A 1 38 ? 2.763   -8.907  -9.111  1.00 10.83 ? 38  THR A C   1 
ATOM   308 O O   . THR A 1 38 ? 2.762   -8.211  -10.109 1.00 11.87 ? 38  THR A O   1 
ATOM   309 C CB  . THR A 1 38 ? 5.195   -9.356  -8.515  1.00 12.10 ? 38  THR A CB  1 
ATOM   310 O OG1 . THR A 1 38 ? 5.077   -10.786 -8.634  1.00 14.26 ? 38  THR A OG1 1 
ATOM   311 C CG2 . THR A 1 38 ? 6.283   -9.076  -7.475  1.00 13.05 ? 38  THR A CG2 1 
ATOM   312 N N   . HIS A 1 39 ? 1.824   -9.798  -8.872  1.00 9.41  ? 39  HIS A N   1 
ATOM   313 C CA  . HIS A 1 39 ? 0.773   -10.057 -9.842  1.00 9.54  ? 39  HIS A CA  1 
ATOM   314 C C   . HIS A 1 39 ? -0.392  -9.073  -9.692  1.00 10.67 ? 39  HIS A C   1 
ATOM   315 O O   . HIS A 1 39 ? -1.332  -9.056  -10.493 1.00 9.61  ? 39  HIS A O   1 
ATOM   316 C CB  . HIS A 1 39 ? 0.267   -11.495 -9.652  1.00 9.52  ? 39  HIS A CB  1 
ATOM   317 C CG  . HIS A 1 39 ? -0.428  -11.736 -8.345  1.00 9.19  ? 39  HIS A CG  1 
ATOM   318 N ND1 . HIS A 1 39 ? 0.204   -12.300 -7.254  1.00 10.27 ? 39  HIS A ND1 1 
ATOM   319 C CD2 . HIS A 1 39 ? -1.711  -11.539 -7.965  1.00 9.79  ? 39  HIS A CD2 1 
ATOM   320 C CE1 . HIS A 1 39 ? -0.661  -12.439 -6.268  1.00 8.42  ? 39  HIS A CE1 1 
ATOM   321 N NE2 . HIS A 1 39 ? -1.830  -11.988 -6.670  1.00 10.87 ? 39  HIS A NE2 1 
ATOM   322 N N   . LEU A 1 40 ? -0.406  -8.321  -8.591  1.00 11.17 ? 40  LEU A N   1 
ATOM   323 C CA  . LEU A 1 40 ? -1.502  -7.374  -8.375  1.00 7.69  ? 40  LEU A CA  1 
ATOM   324 C C   . LEU A 1 40 ? -1.287  -6.088  -9.192  1.00 9.53  ? 40  LEU A C   1 
ATOM   325 O O   . LEU A 1 40 ? -0.142  -5.745  -9.532  1.00 10.50 ? 40  LEU A O   1 
ATOM   326 C CB  . LEU A 1 40 ? -1.596  -7.061  -6.877  1.00 6.59  ? 40  LEU A CB  1 
ATOM   327 C CG  . LEU A 1 40 ? -2.099  -8.200  -6.012  1.00 5.25  ? 40  LEU A CG  1 
ATOM   328 C CD1 . LEU A 1 40 ? -1.854  -7.823  -4.550  1.00 9.23  ? 40  LEU A CD1 1 
ATOM   329 C CD2 . LEU A 1 40 ? -3.598  -8.451  -6.198  1.00 4.53  ? 40  LEU A CD2 1 
ATOM   330 N N   . THR A 1 41 ? -2.376  -5.428  -9.577  1.00 8.86  ? 41  THR A N   1 
ATOM   331 C CA  . THR A 1 41 ? -2.279  -4.160  -10.288 1.00 8.85  ? 41  THR A CA  1 
ATOM   332 C C   . THR A 1 41 ? -3.145  -3.199  -9.458  1.00 8.29  ? 41  THR A C   1 
ATOM   333 O O   . THR A 1 41 ? -3.851  -3.622  -8.544  1.00 8.21  ? 41  THR A O   1 
ATOM   334 C CB  . THR A 1 41 ? -2.898  -4.225  -11.737 1.00 8.80  ? 41  THR A CB  1 
ATOM   335 O OG1 . THR A 1 41 ? -4.302  -4.430  -11.645 1.00 10.04 ? 41  THR A OG1 1 
ATOM   336 C CG2 . THR A 1 41 ? -2.290  -5.365  -12.556 1.00 12.64 ? 41  THR A CG2 1 
ATOM   337 N N   . ASP A 1 42 ? -3.090  -1.900  -9.762  1.00 8.53  ? 42  ASP A N   1 
ATOM   338 C CA  . ASP A 1 42 ? -3.955  -0.935  -9.056  1.00 10.95 ? 42  ASP A CA  1 
ATOM   339 C C   . ASP A 1 42 ? -3.801  -1.017  -7.553  1.00 8.95  ? 42  ASP A C   1 
ATOM   340 O O   . ASP A 1 42 ? -4.802  -0.986  -6.810  1.00 10.77 ? 42  ASP A O   1 
ATOM   341 C CB  . ASP A 1 42 ? -5.427  -1.214  -9.390  1.00 10.69 ? 42  ASP A CB  1 
ATOM   342 C CG  . ASP A 1 42 ? -5.694  -1.109  -10.850 1.00 15.78 ? 42  ASP A CG  1 
ATOM   343 O OD1 . ASP A 1 42 ? -5.647  0.019   -11.364 1.00 16.40 ? 42  ASP A OD1 1 
ATOM   344 O OD2 . ASP A 1 42 ? -5.864  -2.164  -11.499 1.00 20.15 ? 42  ASP A OD2 1 
ATOM   345 N N   . VAL A 1 43 ? -2.556  -1.145  -7.120  1.00 8.35  ? 43  VAL A N   1 
ATOM   346 C CA  . VAL A 1 43 ? -2.250  -1.279  -5.710  1.00 8.10  ? 43  VAL A CA  1 
ATOM   347 C C   . VAL A 1 43 ? -2.369  0.028   -4.977  1.00 8.95  ? 43  VAL A C   1 
ATOM   348 O O   . VAL A 1 43 ? -1.786  1.040   -5.394  1.00 8.75  ? 43  VAL A O   1 
ATOM   349 C CB  . VAL A 1 43 ? -0.836  -1.874  -5.526  1.00 9.05  ? 43  VAL A CB  1 
ATOM   350 C CG1 . VAL A 1 43 ? -0.521  -2.010  -4.056  1.00 7.35  ? 43  VAL A CG1 1 
ATOM   351 C CG2 . VAL A 1 43 ? -0.745  -3.266  -6.200  1.00 5.42  ? 43  VAL A CG2 1 
ATOM   352 N N   . VAL A 1 44 ? -3.140  -0.014  -3.896  1.00 7.73  ? 44  VAL A N   1 
ATOM   353 C CA  . VAL A 1 44 ? -3.388  1.154   -3.034  1.00 8.16  ? 44  VAL A CA  1 
ATOM   354 C C   . VAL A 1 44 ? -2.811  0.795   -1.646  1.00 8.13  ? 44  VAL A C   1 
ATOM   355 O O   . VAL A 1 44 ? -3.113  -0.271  -1.103  1.00 4.98  ? 44  VAL A O   1 
ATOM   356 C CB  . VAL A 1 44 ? -4.891  1.428   -2.858  1.00 8.33  ? 44  VAL A CB  1 
ATOM   357 C CG1 . VAL A 1 44 ? -5.109  2.462   -1.747  1.00 6.74  ? 44  VAL A CG1 1 
ATOM   358 C CG2 . VAL A 1 44 ? -5.505  1.850   -4.180  1.00 8.40  ? 44  VAL A CG2 1 
ATOM   359 N N   . VAL A 1 45 ? -1.983  1.693   -1.100  1.00 7.18  ? 45  VAL A N   1 
ATOM   360 C CA  . VAL A 1 45 ? -1.352  1.477   0.202   1.00 6.95  ? 45  VAL A CA  1 
ATOM   361 C C   . VAL A 1 45 ? -1.781  2.642   1.044   1.00 7.27  ? 45  VAL A C   1 
ATOM   362 O O   . VAL A 1 45 ? -1.707  3.795   0.610   1.00 8.90  ? 45  VAL A O   1 
ATOM   363 C CB  . VAL A 1 45 ? 0.210   1.451   0.071   1.00 7.37  ? 45  VAL A CB  1 
ATOM   364 C CG1 . VAL A 1 45 ? 0.907   1.481   1.523   1.00 6.79  ? 45  VAL A CG1 1 
ATOM   365 C CG2 . VAL A 1 45 ? 0.626   0.189   -0.710  1.00 7.29  ? 45  VAL A CG2 1 
ATOM   366 N N   . TYR A 1 46 ? -2.289  2.347   2.230   1.00 8.00  ? 46  TYR A N   1 
ATOM   367 C CA  . TYR A 1 46 ? -2.746  3.395   3.087   1.00 7.25  ? 46  TYR A CA  1 
ATOM   368 C C   . TYR A 1 46 ? -1.627  4.134   3.823   1.00 8.09  ? 46  TYR A C   1 
ATOM   369 O O   . TYR A 1 46 ? -0.670  3.522   4.331   1.00 5.61  ? 46  TYR A O   1 
ATOM   370 C CB  . TYR A 1 46 ? -3.810  2.855   4.011   1.00 8.69  ? 46  TYR A CB  1 
ATOM   371 C CG  . TYR A 1 46 ? -5.060  2.485   3.209   1.00 15.00 ? 46  TYR A CG  1 
ATOM   372 C CD1 . TYR A 1 46 ? -5.874  3.479   2.622   1.00 13.92 ? 46  TYR A CD1 1 
ATOM   373 C CD2 . TYR A 1 46 ? -5.328  1.154   2.898   1.00 15.95 ? 46  TYR A CD2 1 
ATOM   374 C CE1 . TYR A 1 46 ? -6.895  3.130   1.738   1.00 16.44 ? 46  TYR A CE1 1 
ATOM   375 C CE2 . TYR A 1 46 ? -6.341  0.814   2.016   1.00 15.81 ? 46  TYR A CE2 1 
ATOM   376 C CZ  . TYR A 1 46 ? -7.109  1.802   1.442   1.00 19.08 ? 46  TYR A CZ  1 
ATOM   377 O OH  . TYR A 1 46 ? -8.102  1.439   0.543   1.00 23.79 ? 46  TYR A OH  1 
ATOM   378 N N   . GLU A 1 47 ? -1.750  5.461   3.838   1.00 9.44  ? 47  GLU A N   1 
ATOM   379 C CA  . GLU A 1 47 ? -0.777  6.307   4.527   1.00 7.85  ? 47  GLU A CA  1 
ATOM   380 C C   . GLU A 1 47 ? -0.982  6.172   6.049   1.00 6.66  ? 47  GLU A C   1 
ATOM   381 O O   . GLU A 1 47 ? -1.961  6.689   6.609   1.00 7.30  ? 47  GLU A O   1 
ATOM   382 C CB  . GLU A 1 47 ? -0.940  7.760   4.086   1.00 7.59  ? 47  GLU A CB  1 
ATOM   383 C CG  . GLU A 1 47 ? 0.160   8.649   4.645   1.00 10.05 ? 47  GLU A CG  1 
ATOM   384 C CD  . GLU A 1 47 ? 0.100   10.054  4.059   1.00 7.84  ? 47  GLU A CD  1 
ATOM   385 O OE1 . GLU A 1 47 ? 0.420   10.227  2.884   1.00 11.22 ? 47  GLU A OE1 1 
ATOM   386 O OE2 . GLU A 1 47 ? -0.222  10.990  4.799   1.00 12.11 ? 47  GLU A OE2 1 
ATOM   387 N N   . GLN A 1 48 ? -0.079  5.418   6.677   1.00 6.29  ? 48  GLN A N   1 
ATOM   388 C CA  . GLN A 1 48 ? -0.105  5.194   8.110   1.00 6.71  ? 48  GLN A CA  1 
ATOM   389 C C   . GLN A 1 48 ? 1.270   4.668   8.483   1.00 8.51  ? 48  GLN A C   1 
ATOM   390 O O   . GLN A 1 48 ? 2.064   4.297   7.594   1.00 7.82  ? 48  GLN A O   1 
ATOM   391 C CB  . GLN A 1 48 ? -1.182  4.179   8.467   1.00 5.74  ? 48  GLN A CB  1 
ATOM   392 C CG  . GLN A 1 48 ? -0.948  2.785   7.899   1.00 8.45  ? 48  GLN A CG  1 
ATOM   393 C CD  . GLN A 1 48 ? -2.152  1.875   8.133   1.00 10.80 ? 48  GLN A CD  1 
ATOM   394 O OE1 . GLN A 1 48 ? -2.915  2.051   9.085   1.00 9.85  ? 48  GLN A OE1 1 
ATOM   395 N NE2 . GLN A 1 48 ? -2.324  0.900   7.245   1.00 8.00  ? 48  GLN A NE2 1 
ATOM   396 N N   . THR A 1 49 ? 1.552   4.648   9.791   1.00 9.72  ? 49  THR A N   1 
ATOM   397 C CA  . THR A 1 49 ? 2.828   4.158   10.275  1.00 10.17 ? 49  THR A CA  1 
ATOM   398 C C   . THR A 1 49 ? 2.781   2.623   10.355  1.00 10.33 ? 49  THR A C   1 
ATOM   399 O O   . THR A 1 49 ? 1.696   2.034   10.361  1.00 9.72  ? 49  THR A O   1 
ATOM   400 C CB  . THR A 1 49 ? 3.078   4.708   11.713  1.00 10.79 ? 49  THR A CB  1 
ATOM   401 O OG1 . THR A 1 49 ? 2.109   4.158   12.600  1.00 10.92 ? 49  THR A OG1 1 
ATOM   402 C CG2 . THR A 1 49 ? 2.905   6.215   11.767  1.00 10.80 ? 49  THR A CG2 1 
ATOM   403 N N   . TRP A 1 50 ? 3.945   1.984   10.448  1.00 7.16  ? 50  TRP A N   1 
ATOM   404 C CA  . TRP A 1 50 ? 4.026   0.537   10.600  1.00 8.91  ? 50  TRP A CA  1 
ATOM   405 C C   . TRP A 1 50 ? 3.253   0.125   11.879  1.00 11.13 ? 50  TRP A C   1 
ATOM   406 O O   . TRP A 1 50 ? 2.512   -0.859  11.872  1.00 10.33 ? 50  TRP A O   1 
ATOM   407 C CB  . TRP A 1 50 ? 5.512   0.104   10.646  1.00 9.97  ? 50  TRP A CB  1 
ATOM   408 C CG  . TRP A 1 50 ? 5.811   -1.350  10.913  1.00 13.73 ? 50  TRP A CG  1 
ATOM   409 C CD1 . TRP A 1 50 ? 6.686   -1.842  11.850  1.00 14.54 ? 50  TRP A CD1 1 
ATOM   410 C CD2 . TRP A 1 50 ? 5.209   -2.506  10.283  1.00 13.92 ? 50  TRP A CD2 1 
ATOM   411 N NE1 . TRP A 1 50 ? 6.650   -3.234  11.862  1.00 14.57 ? 50  TRP A NE1 1 
ATOM   412 C CE2 . TRP A 1 50 ? 5.759   -3.664  10.916  1.00 16.86 ? 50  TRP A CE2 1 
ATOM   413 C CE3 . TRP A 1 50 ? 4.267   -2.678  9.253   1.00 15.41 ? 50  TRP A CE3 1 
ATOM   414 C CZ2 . TRP A 1 50 ? 5.388   -4.972  10.543  1.00 15.82 ? 50  TRP A CZ2 1 
ATOM   415 C CZ3 . TRP A 1 50 ? 3.894   -3.973  8.888   1.00 16.28 ? 50  TRP A CZ3 1 
ATOM   416 C CH2 . TRP A 1 50 ? 4.451   -5.103  9.533   1.00 18.25 ? 50  TRP A CH2 1 
ATOM   417 N N   . GLU A 1 51 ? 3.363   0.902   12.955  1.00 12.64 ? 51  GLU A N   1 
ATOM   418 C CA  . GLU A 1 51 ? 2.639   0.614   14.196  1.00 14.98 ? 51  GLU A CA  1 
ATOM   419 C C   . GLU A 1 51 ? 1.118   0.584   13.937  1.00 13.60 ? 51  GLU A C   1 
ATOM   420 O O   . GLU A 1 51 ? 0.410   -0.356  14.325  1.00 13.43 ? 51  GLU A O   1 
ATOM   421 C CB  . GLU A 1 51 ? 2.982   1.678   15.287  1.00 21.56 ? 51  GLU A CB  1 
ATOM   422 C CG  . GLU A 1 51 ? 2.295   1.486   16.660  1.00 26.79 ? 51  GLU A CG  1 
ATOM   423 C CD  . GLU A 1 51 ? 2.731   2.519   17.746  1.00 33.42 ? 51  GLU A CD  1 
ATOM   424 O OE1 . GLU A 1 51 ? 3.804   3.171   17.615  1.00 36.50 ? 51  GLU A OE1 1 
ATOM   425 O OE2 . GLU A 1 51 ? 2.002   2.667   18.761  1.00 36.44 ? 51  GLU A OE2 1 
ATOM   426 N N   . GLU A 1 52 ? 0.632   1.590   13.228  1.00 11.28 ? 52  GLU A N   1 
ATOM   427 C CA  . GLU A 1 52 ? -0.789  1.675   12.907  1.00 11.02 ? 52  GLU A CA  1 
ATOM   428 C C   . GLU A 1 52 ? -1.221  0.505   12.001  1.00 12.20 ? 52  GLU A C   1 
ATOM   429 O O   . GLU A 1 52 ? -2.321  -0.085  12.196  1.00 10.67 ? 52  GLU A O   1 
ATOM   430 C CB  . GLU A 1 52 ? -1.082  3.003   12.218  1.00 11.59 ? 52  GLU A CB  1 
ATOM   431 C CG  . GLU A 1 52 ? -1.096  4.183   13.192  1.00 12.13 ? 52  GLU A CG  1 
ATOM   432 C CD  . GLU A 1 52 ? -1.342  5.523   12.538  1.00 17.79 ? 52  GLU A CD  1 
ATOM   433 O OE1 . GLU A 1 52 ? -0.826  5.791   11.426  1.00 15.73 ? 52  GLU A OE1 1 
ATOM   434 O OE2 . GLU A 1 52 ? -2.027  6.351   13.170  1.00 19.69 ? 52  GLU A OE2 1 
ATOM   435 N N   . ALA A 1 53 ? -0.336  0.147   11.063  1.00 10.71 ? 53  ALA A N   1 
ATOM   436 C CA  . ALA A 1 53 ? -0.623  -0.921  10.094  1.00 12.24 ? 53  ALA A CA  1 
ATOM   437 C C   . ALA A 1 53 ? -0.827  -2.299  10.722  1.00 12.52 ? 53  ALA A C   1 
ATOM   438 O O   . ALA A 1 53 ? -1.692  -3.060  10.272  1.00 9.69  ? 53  ALA A O   1 
ATOM   439 C CB  . ALA A 1 53 ? 0.459   -0.961  8.977   1.00 8.94  ? 53  ALA A CB  1 
ATOM   440 N N   . LEU A 1 54 ? -0.123  -2.563  11.829  1.00 12.33 ? 54  LEU A N   1 
ATOM   441 C CA  . LEU A 1 54 ? -0.197  -3.861  12.506  1.00 13.63 ? 54  LEU A CA  1 
ATOM   442 C C   . LEU A 1 54 ? -1.601  -4.432  12.747  1.00 13.46 ? 54  LEU A C   1 
ATOM   443 O O   . LEU A 1 54 ? -1.777  -5.648  12.700  1.00 14.25 ? 54  LEU A O   1 
ATOM   444 C CB  . LEU A 1 54 ? 0.526   -3.817  13.882  1.00 17.24 ? 54  LEU A CB  1 
ATOM   445 C CG  . LEU A 1 54 ? 2.050   -3.825  13.950  1.00 18.26 ? 54  LEU A CG  1 
ATOM   446 C CD1 . LEU A 1 54 ? 2.481   -4.136  15.354  1.00 22.73 ? 54  LEU A CD1 1 
ATOM   447 C CD2 . LEU A 1 54 ? 2.615   -4.832  13.063  1.00 19.38 ? 54  LEU A CD2 1 
ATOM   448 N N   . THR A 1 55 ? -2.581  -3.561  12.995  1.00 14.55 ? 55  THR A N   1 
ATOM   449 C CA  . THR A 1 55 ? -3.960  -3.954  13.320  1.00 13.05 ? 55  THR A CA  1 
ATOM   450 C C   . THR A 1 55 ? -4.980  -3.497  12.298  1.00 13.48 ? 55  THR A C   1 
ATOM   451 O O   . THR A 1 55 ? -6.181  -3.582  12.567  1.00 12.42 ? 55  THR A O   1 
ATOM   452 C CB  . THR A 1 55 ? -4.422  -3.268  14.651  1.00 14.19 ? 55  THR A CB  1 
ATOM   453 O OG1 . THR A 1 55 ? -4.314  -1.832  14.537  1.00 12.51 ? 55  THR A OG1 1 
ATOM   454 C CG2 . THR A 1 55 ? -3.572  -3.740  15.802  1.00 15.26 ? 55  THR A CG2 1 
ATOM   455 N N   . ARG A 1 56 ? -4.516  -3.099  11.123  1.00 11.77 ? 56  ARG A N   1 
ATOM   456 C CA  . ARG A 1 56 ? -5.421  -2.516  10.147  1.00 12.65 ? 56  ARG A CA  1 
ATOM   457 C C   . ARG A 1 56 ? -5.249  -3.061  8.725   1.00 10.75 ? 56  ARG A C   1 
ATOM   458 O O   . ARG A 1 56 ? -4.482  -3.990  8.482   1.00 10.49 ? 56  ARG A O   1 
ATOM   459 C CB  . ARG A 1 56 ? -5.210  -0.972  10.117  1.00 11.79 ? 56  ARG A CB  1 
ATOM   460 C CG  . ARG A 1 56 ? -5.658  -0.208  11.359  1.00 11.00 ? 56  ARG A CG  1 
ATOM   461 C CD  . ARG A 1 56 ? -5.314  1.278   11.248  1.00 9.96  ? 56  ARG A CD  1 
ATOM   462 N NE  . ARG A 1 56 ? -5.801  2.072   12.378  1.00 14.40 ? 56  ARG A NE  1 
ATOM   463 C CZ  . ARG A 1 56 ? -5.229  2.150   13.579  1.00 14.26 ? 56  ARG A CZ  1 
ATOM   464 N NH1 . ARG A 1 56 ? -4.120  1.471   13.832  1.00 11.45 ? 56  ARG A NH1 1 
ATOM   465 N NH2 . ARG A 1 56 ? -5.827  2.824   14.557  1.00 13.18 ? 56  ARG A NH2 1 
ATOM   466 N N   . LEU A 1 57 ? -6.082  -2.538  7.834   1.00 10.26 ? 57  LEU A N   1 
ATOM   467 C CA  . LEU A 1 57 ? -6.008  -2.849  6.407   1.00 9.51  ? 57  LEU A CA  1 
ATOM   468 C C   . LEU A 1 57 ? -4.738  -2.105  5.961   1.00 9.12  ? 57  LEU A C   1 
ATOM   469 O O   . LEU A 1 57 ? -4.581  -0.910  6.246   1.00 9.70  ? 57  LEU A O   1 
ATOM   470 C CB  . LEU A 1 57 ? -7.211  -2.230  5.696   1.00 9.97  ? 57  LEU A CB  1 
ATOM   471 C CG  . LEU A 1 57 ? -7.245  -2.290  4.163   1.00 6.75  ? 57  LEU A CG  1 
ATOM   472 C CD1 . LEU A 1 57 ? -7.123  -3.750  3.622   1.00 5.41  ? 57  LEU A CD1 1 
ATOM   473 C CD2 . LEU A 1 57 ? -8.530  -1.617  3.766   1.00 7.71  ? 57  LEU A CD2 1 
ATOM   474 N N   . ILE A 1 58 ? -3.856  -2.790  5.257   1.00 7.45  ? 58  ILE A N   1 
ATOM   475 C CA  . ILE A 1 58 ? -2.613  -2.183  4.817   1.00 6.63  ? 58  ILE A CA  1 
ATOM   476 C C   . ILE A 1 58 ? -2.639  -1.763  3.370   1.00 5.03  ? 58  ILE A C   1 
ATOM   477 O O   . ILE A 1 58 ? -2.248  -0.643  3.030   1.00 5.44  ? 58  ILE A O   1 
ATOM   478 C CB  . ILE A 1 58 ? -1.387  -3.161  5.116   1.00 7.23  ? 58  ILE A CB  1 
ATOM   479 C CG1 . ILE A 1 58 ? -1.309  -3.413  6.655   1.00 6.51  ? 58  ILE A CG1 1 
ATOM   480 C CG2 . ILE A 1 58 ? -0.085  -2.581  4.538   1.00 5.38  ? 58  ILE A CG2 1 
ATOM   481 C CD1 . ILE A 1 58 ? -0.054  -4.134  7.152   1.00 8.19  ? 58  ILE A CD1 1 
ATOM   482 N N   . PHE A 1 59 ? -3.058  -2.692  2.512   1.00 8.08  ? 59  PHE A N   1 
ATOM   483 C CA  . PHE A 1 59 ? -3.126  -2.414  1.075   1.00 5.54  ? 59  PHE A CA  1 
ATOM   484 C C   . PHE A 1 59 ? -4.178  -3.262  0.385   1.00 6.93  ? 59  PHE A C   1 
ATOM   485 O O   . PHE A 1 59 ? -4.658  -4.249  0.931   1.00 4.90  ? 59  PHE A O   1 
ATOM   486 C CB  . PHE A 1 59 ? -1.764  -2.580  0.393   1.00 4.70  ? 59  PHE A CB  1 
ATOM   487 C CG  . PHE A 1 59 ? -1.281  -4.002  0.271   1.00 4.26  ? 59  PHE A CG  1 
ATOM   488 C CD1 . PHE A 1 59 ? -0.556  -4.614  1.295   1.00 6.23  ? 59  PHE A CD1 1 
ATOM   489 C CD2 . PHE A 1 59 ? -1.473  -4.709  -0.904  1.00 9.33  ? 59  PHE A CD2 1 
ATOM   490 C CE1 . PHE A 1 59 ? -0.038  -5.896  1.113   1.00 8.48  ? 59  PHE A CE1 1 
ATOM   491 C CE2 . PHE A 1 59 ? -0.958  -5.989  -1.098  1.00 9.06  ? 59  PHE A CE2 1 
ATOM   492 C CZ  . PHE A 1 59 ? -0.243  -6.584  -0.106  1.00 7.82  ? 59  PHE A CZ  1 
ATOM   493 N N   . VAL A 1 60 ? -4.515  -2.823  -0.824  1.00 7.25  ? 60  VAL A N   1 
ATOM   494 C CA  . VAL A 1 60 ? -5.518  -3.495  -1.655  1.00 9.33  ? 60  VAL A CA  1 
ATOM   495 C C   . VAL A 1 60 ? -5.012  -3.482  -3.058  1.00 5.82  ? 60  VAL A C   1 
ATOM   496 O O   . VAL A 1 60 ? -4.338  -2.560  -3.464  1.00 7.82  ? 60  VAL A O   1 
ATOM   497 C CB  . VAL A 1 60 ? -6.914  -2.761  -1.604  1.00 7.64  ? 60  VAL A CB  1 
ATOM   498 C CG1 . VAL A 1 60 ? -7.456  -2.693  -0.192  1.00 10.09 ? 60  VAL A CG1 1 
ATOM   499 C CG2 . VAL A 1 60 ? -6.772  -1.357  -2.071  1.00 14.58 ? 60  VAL A CG2 1 
ATOM   500 N N   . GLY A 1 61 ? -5.269  -4.548  -3.790  1.00 8.54  ? 61  GLY A N   1 
ATOM   501 C CA  . GLY A 1 61 ? -4.859  -4.573  -5.203  1.00 8.48  ? 61  GLY A CA  1 
ATOM   502 C C   . GLY A 1 61 ? -5.838  -5.397  -6.007  1.00 6.29  ? 61  GLY A C   1 
ATOM   503 O O   . GLY A 1 61 ? -6.660  -6.068  -5.430  1.00 7.39  ? 61  GLY A O   1 
ATOM   504 N N   . SER A 1 62 ? -5.700  -5.369  -7.326  1.00 8.51  ? 62  SER A N   1 
ATOM   505 C CA  . SER A 1 62 ? -6.575  -6.138  -8.211  1.00 9.06  ? 62  SER A CA  1 
ATOM   506 C C   . SER A 1 62 ? -5.842  -7.306  -8.793  1.00 6.70  ? 62  SER A C   1 
ATOM   507 O O   . SER A 1 62 ? -4.735  -7.168  -9.324  1.00 8.22  ? 62  SER A O   1 
ATOM   508 C CB  . SER A 1 62 ? -7.095  -5.294  -9.375  1.00 9.77  ? 62  SER A CB  1 
ATOM   509 O OG  . SER A 1 62 ? -7.801  -4.186  -8.890  1.00 13.60 ? 62  SER A OG  1 
ATOM   510 N N   . ASP A 1 63 ? -6.406  -8.491  -8.599  1.00 7.08  ? 63  ASP A N   1 
ATOM   511 C CA  . ASP A 1 63 ? -5.799  -9.669  -9.189  1.00 7.36  ? 63  ASP A CA  1 
ATOM   512 C C   . ASP A 1 63 ? -6.048  -9.717  -10.747 1.00 7.51  ? 63  ASP A C   1 
ATOM   513 O O   . ASP A 1 63 ? -6.733  -8.840  -11.307 1.00 8.98  ? 63  ASP A O   1 
ATOM   514 C CB  . ASP A 1 63 ? -6.264  -10.919 -8.460  1.00 8.76  ? 63  ASP A CB  1 
ATOM   515 C CG  . ASP A 1 63 ? -7.760  -11.222 -8.629  1.00 9.81  ? 63  ASP A CG  1 
ATOM   516 O OD1 . ASP A 1 63 ? -8.404  -10.792 -9.603  1.00 8.58  ? 63  ASP A OD1 1 
ATOM   517 O OD2 . ASP A 1 63 ? -8.264  -11.990 -7.796  1.00 10.68 ? 63  ASP A OD2 1 
ATOM   518 N N   . SER A 1 64 ? -5.556  -10.744 -11.415 1.00 7.09  ? 64  SER A N   1 
ATOM   519 C CA  . SER A 1 64 ? -5.691  -10.865 -12.885 1.00 9.54  ? 64  SER A CA  1 
ATOM   520 C C   . SER A 1 64 ? -7.125  -10.986 -13.419 1.00 11.78 ? 64  SER A C   1 
ATOM   521 O O   . SER A 1 64 ? -7.345  -10.835 -14.643 1.00 12.50 ? 64  SER A O   1 
ATOM   522 C CB  . SER A 1 64 ? -4.836  -11.989 -13.399 1.00 8.94  ? 64  SER A CB  1 
ATOM   523 O OG  . SER A 1 64 ? -5.239  -13.195 -12.819 1.00 11.96 ? 64  SER A OG  1 
ATOM   524 N N   . LYS A 1 65 ? -8.074  -11.225 -12.504 1.00 10.07 ? 65  LYS A N   1 
ATOM   525 C CA  . LYS A 1 65 ? -9.501  -11.305 -12.817 1.00 12.82 ? 65  LYS A CA  1 
ATOM   526 C C   . LYS A 1 65 ? -10.211 -9.985  -12.518 1.00 12.55 ? 65  LYS A C   1 
ATOM   527 O O   . LYS A 1 65 ? -11.475 -9.875  -12.618 1.00 10.97 ? 65  LYS A O   1 
ATOM   528 C CB  . LYS A 1 65 ? -10.143 -12.437 -12.049 1.00 12.86 ? 65  LYS A CB  1 
ATOM   529 C CG  . LYS A 1 65 ? -9.696  -13.792 -12.566 1.00 20.23 ? 65  LYS A CG  1 
ATOM   530 C CD  . LYS A 1 65 ? -8.190  -14.016 -12.486 1.00 26.57 ? 65  LYS A CD  1 
ATOM   531 C CE  . LYS A 1 65 ? -7.636  -13.895 -11.028 1.00 28.13 ? 65  LYS A CE  1 
ATOM   532 N NZ  . LYS A 1 65 ? -6.303  -14.600 -10.746 1.00 23.73 ? 65  LYS A NZ  1 
ATOM   533 N N   . GLY A 1 66 ? -9.400  -8.969  -12.185 1.00 11.06 ? 66  GLY A N   1 
ATOM   534 C CA  . GLY A 1 66 ? -9.939  -7.652  -11.876 1.00 10.89 ? 66  GLY A CA  1 
ATOM   535 C C   . GLY A 1 66 ? -10.612 -7.585  -10.509 1.00 12.14 ? 66  GLY A C   1 
ATOM   536 O O   . GLY A 1 66 ? -11.252 -6.593  -10.206 1.00 12.49 ? 66  GLY A O   1 
ATOM   537 N N   . ARG A 1 67 ? -10.527 -8.647  -9.705  1.00 10.91 ? 67  ARG A N   1 
ATOM   538 C CA  . ARG A 1 67 ? -11.098 -8.639  -8.352  1.00 14.13 ? 67  ARG A CA  1 
ATOM   539 C C   . ARG A 1 67 ? -10.137 -7.989  -7.299  1.00 12.96 ? 67  ARG A C   1 
ATOM   540 O O   . ARG A 1 67 ? -8.924  -8.273  -7.289  1.00 10.21 ? 67  ARG A O   1 
ATOM   541 C CB  . ARG A 1 67 ? -11.358 -10.074 -7.948  1.00 16.92 ? 67  ARG A CB  1 
ATOM   542 C CG  . ARG A 1 67 ? -12.310 -10.306 -6.799  1.00 23.64 ? 67  ARG A CG  1 
ATOM   543 C CD  . ARG A 1 67 ? -12.899 -11.735 -6.961  1.00 29.15 ? 67  ARG A CD  1 
ATOM   544 N NE  . ARG A 1 67 ? -12.429 -12.328 -8.224  1.00 29.96 ? 67  ARG A NE  1 
ATOM   545 C CZ  . ARG A 1 67 ? -13.130 -13.105 -9.046  1.00 26.35 ? 67  ARG A CZ  1 
ATOM   546 N NH1 . ARG A 1 67 ? -14.387 -13.446 -8.784  1.00 24.25 ? 67  ARG A NH1 1 
ATOM   547 N NH2 . ARG A 1 67 ? -12.535 -13.514 -10.145 1.00 24.25 ? 67  ARG A NH2 1 
ATOM   548 N N   . ARG A 1 68 ? -10.686 -7.146  -6.418  1.00 11.23 ? 68  ARG A N   1 
ATOM   549 C CA  . ARG A 1 68 ? -9.894  -6.501  -5.364  1.00 9.79  ? 68  ARG A CA  1 
ATOM   550 C C   . ARG A 1 68 ? -9.613  -7.464  -4.224  1.00 10.06 ? 68  ARG A C   1 
ATOM   551 O O   . ARG A 1 68 ? -10.508 -8.151  -3.721  1.00 11.14 ? 68  ARG A O   1 
ATOM   552 C CB  . ARG A 1 68 ? -10.594 -5.233  -4.843  1.00 11.12 ? 68  ARG A CB  1 
ATOM   553 C CG  . ARG A 1 68 ? -10.897 -4.188  -5.921  1.00 12.92 ? 68  ARG A CG  1 
ATOM   554 C CD  . ARG A 1 68 ? -9.661  -3.509  -6.482  1.00 11.12 ? 68  ARG A CD  1 
ATOM   555 N NE  . ARG A 1 68 ? -9.031  -2.582  -5.514  1.00 14.70 ? 68  ARG A NE  1 
ATOM   556 C CZ  . ARG A 1 68 ? -7.833  -2.003  -5.659  1.00 12.78 ? 68  ARG A CZ  1 
ATOM   557 N NH1 . ARG A 1 68 ? -7.094  -2.240  -6.720  1.00 9.94  ? 68  ARG A NH1 1 
ATOM   558 N NH2 . ARG A 1 68 ? -7.430  -1.063  -4.798  1.00 10.36 ? 68  ARG A NH2 1 
ATOM   559 N N   . GLN A 1 69 ? -8.341  -7.512  -3.807  1.00 9.77  ? 69  GLN A N   1 
ATOM   560 C CA  . GLN A 1 69 ? -7.854  -8.385  -2.738  1.00 9.26  ? 69  GLN A CA  1 
ATOM   561 C C   . GLN A 1 69 ? -7.284  -7.489  -1.656  1.00 7.85  ? 69  GLN A C   1 
ATOM   562 O O   . GLN A 1 69 ? -6.476  -6.597  -1.948  1.00 9.95  ? 69  GLN A O   1 
ATOM   563 C CB  . GLN A 1 69 ? -6.795  -9.310  -3.295  1.00 12.18 ? 69  GLN A CB  1 
ATOM   564 C CG  . GLN A 1 69 ? -7.311  -10.198 -4.442  1.00 16.61 ? 69  GLN A CG  1 
ATOM   565 C CD  . GLN A 1 69 ? -8.423  -11.172 -4.011  1.00 20.54 ? 69  GLN A CD  1 
ATOM   566 O OE1 . GLN A 1 69 ? -8.649  -11.393 -2.811  1.00 20.38 ? 69  GLN A OE1 1 
ATOM   567 N NE2 . GLN A 1 69 ? -9.108  -11.763 -4.988  1.00 17.99 ? 69  GLN A NE2 1 
ATOM   568 N N   . TYR A 1 70 ? -7.819  -7.662  -0.450  1.00 8.91  ? 70  TYR A N   1 
ATOM   569 C CA  . TYR A 1 70 ? -7.475  -6.847  0.717   1.00 9.94  ? 70  TYR A CA  1 
ATOM   570 C C   . TYR A 1 70 ? -6.421  -7.512  1.597   1.00 10.56 ? 70  TYR A C   1 
ATOM   571 O O   . TYR A 1 70 ? -6.500  -8.716  1.829   1.00 12.58 ? 70  TYR A O   1 
ATOM   572 C CB  . TYR A 1 70 ? -8.740  -6.586  1.541   1.00 10.35 ? 70  TYR A CB  1 
ATOM   573 C CG  . TYR A 1 70 ? -9.790  -5.761  0.800   1.00 12.81 ? 70  TYR A CG  1 
ATOM   574 C CD1 . TYR A 1 70 ? -10.401 -6.234  -0.399  1.00 13.66 ? 70  TYR A CD1 1 
ATOM   575 C CD2 . TYR A 1 70 ? -10.100 -4.478  1.232   1.00 10.63 ? 70  TYR A CD2 1 
ATOM   576 C CE1 . TYR A 1 70 ? -11.288 -5.399  -1.133  1.00 10.00 ? 70  TYR A CE1 1 
ATOM   577 C CE2 . TYR A 1 70 ? -10.966 -3.655  0.529   1.00 12.98 ? 70  TYR A CE2 1 
ATOM   578 C CZ  . TYR A 1 70 ? -11.556 -4.124  -0.652  1.00 13.06 ? 70  TYR A CZ  1 
ATOM   579 O OH  . TYR A 1 70 ? -12.427 -3.281  -1.280  1.00 16.11 ? 70  TYR A OH  1 
ATOM   580 N N   . PHE A 1 71 ? -5.491  -6.723  2.141   1.00 9.15  ? 71  PHE A N   1 
ATOM   581 C CA  . PHE A 1 71 ? -4.413  -7.275  2.965   1.00 9.51  ? 71  PHE A CA  1 
ATOM   582 C C   . PHE A 1 71 ? -4.257  -6.505  4.289   1.00 9.73  ? 71  PHE A C   1 
ATOM   583 O O   . PHE A 1 71 ? -3.966  -5.284  4.322   1.00 10.66 ? 71  PHE A O   1 
ATOM   584 C CB  . PHE A 1 71 ? -3.100  -7.311  2.195   1.00 9.90  ? 71  PHE A CB  1 
ATOM   585 C CG  . PHE A 1 71 ? -3.143  -8.160  0.941   1.00 13.45 ? 71  PHE A CG  1 
ATOM   586 C CD1 . PHE A 1 71 ? -3.671  -7.650  -0.248  1.00 11.97 ? 71  PHE A CD1 1 
ATOM   587 C CD2 . PHE A 1 71 ? -2.638  -9.459  0.959   1.00 14.81 ? 71  PHE A CD2 1 
ATOM   588 C CE1 . PHE A 1 71 ? -3.699  -8.421  -1.414  1.00 14.09 ? 71  PHE A CE1 1 
ATOM   589 C CE2 . PHE A 1 71 ? -2.663  -10.248 -0.214  1.00 17.21 ? 71  PHE A CE2 1 
ATOM   590 C CZ  . PHE A 1 71 ? -3.203  -9.712  -1.405  1.00 15.42 ? 71  PHE A CZ  1 
ATOM   591 N N   . TYR A 1 72 ? -4.408  -7.256  5.365   1.00 9.26  ? 72  TYR A N   1 
ATOM   592 C CA  . TYR A 1 72 ? -4.375  -6.733  6.714   1.00 9.35  ? 72  TYR A CA  1 
ATOM   593 C C   . TYR A 1 72 ? -3.101  -7.058  7.500   1.00 10.10 ? 72  TYR A C   1 
ATOM   594 O O   . TYR A 1 72 ? -2.353  -7.982  7.151   1.00 9.48  ? 72  TYR A O   1 
ATOM   595 C CB  . TYR A 1 72 ? -5.590  -7.261  7.458   1.00 9.39  ? 72  TYR A CB  1 
ATOM   596 C CG  . TYR A 1 72 ? -6.899  -6.919  6.799   1.00 6.97  ? 72  TYR A CG  1 
ATOM   597 C CD1 . TYR A 1 72 ? -7.405  -7.700  5.734   1.00 12.32 ? 72  TYR A CD1 1 
ATOM   598 C CD2 . TYR A 1 72 ? -7.644  -5.835  7.231   1.00 10.05 ? 72  TYR A CD2 1 
ATOM   599 C CE1 . TYR A 1 72 ? -8.613  -7.401  5.135   1.00 7.62  ? 72  TYR A CE1 1 
ATOM   600 C CE2 . TYR A 1 72 ? -8.853  -5.522  6.643   1.00 10.68 ? 72  TYR A CE2 1 
ATOM   601 C CZ  . TYR A 1 72 ? -9.335  -6.298  5.594   1.00 10.53 ? 72  TYR A CZ  1 
ATOM   602 O OH  . TYR A 1 72 ? -10.542 -5.910  5.021   1.00 12.41 ? 72  TYR A OH  1 
ATOM   603 N N   . GLY A 1 73 ? -2.872  -6.264  8.544   1.00 10.22 ? 73  GLY A N   1 
ATOM   604 C CA  . GLY A 1 73 ? -1.710  -6.440  9.403   1.00 13.75 ? 73  GLY A CA  1 
ATOM   605 C C   . GLY A 1 73 ? -1.721  -7.727  10.209  1.00 15.76 ? 73  GLY A C   1 
ATOM   606 O O   . GLY A 1 73 ? -2.794  -8.316  10.471  1.00 14.10 ? 73  GLY A O   1 
ATOM   607 N N   . LYS A 1 74 ? -0.518  -8.108  10.667  1.00 16.98 ? 74  LYS A N   1 
ATOM   608 C CA  . LYS A 1 74 ? -0.299  -9.336  11.444  1.00 17.59 ? 74  LYS A CA  1 
ATOM   609 C C   . LYS A 1 74 ? -1.163  -9.445  12.689  1.00 16.70 ? 74  LYS A C   1 
ATOM   610 O O   . LYS A 1 74 ? -1.421  -10.543 13.142  1.00 17.07 ? 74  LYS A O   1 
ATOM   611 C CB  . LYS A 1 74 ? 1.180   -9.451  11.872  1.00 18.29 ? 74  LYS A CB  1 
ATOM   612 C CG  . LYS A 1 74 ? 2.176   -9.373  10.740  1.00 26.17 ? 74  LYS A CG  1 
ATOM   613 C CD  . LYS A 1 74 ? 3.584   -8.935  11.206  1.00 29.21 ? 74  LYS A CD  1 
ATOM   614 C CE  . LYS A 1 74 ? 4.616   -9.132  10.082  1.00 31.48 ? 74  LYS A CE  1 
ATOM   615 N NZ  . LYS A 1 74 ? 6.027   -9.017  10.557  1.00 29.88 ? 74  LYS A NZ  1 
ATOM   616 N N   . MET A 1 75 ? -1.483  -8.312  13.308  1.00 16.26 ? 75  MET A N   1 
ATOM   617 C CA  . MET A 1 75 ? -2.279  -8.289  14.535  1.00 17.02 ? 75  MET A CA  1 
ATOM   618 C C   . MET A 1 75 ? -3.754  -7.959  14.288  1.00 15.95 ? 75  MET A C   1 
ATOM   619 O O   . MET A 1 75 ? -4.507  -7.659  15.205  1.00 15.81 ? 75  MET A O   1 
ATOM   620 C CB  . MET A 1 75 ? -1.665  -7.304  15.533  1.00 22.87 ? 75  MET A CB  1 
ATOM   621 C CG  . MET A 1 75 ? -0.233  -7.667  15.976  1.00 25.28 ? 75  MET A CG  1 
ATOM   622 S SD  . MET A 1 75 ? -0.251  -9.071  17.097  1.00 32.78 ? 75  MET A SD  1 
ATOM   623 C CE  . MET A 1 75 ? -1.116  -8.304  18.529  1.00 25.96 ? 75  MET A CE  1 
ATOM   624 N N   . HIS A 1 76 ? -4.148  -7.936  13.029  1.00 14.70 ? 76  HIS A N   1 
ATOM   625 C CA  . HIS A 1 76 ? -5.548  -7.719  12.702  1.00 15.63 ? 76  HIS A CA  1 
ATOM   626 C C   . HIS A 1 76 ? -6.207  -9.071  12.953  1.00 18.31 ? 76  HIS A C   1 
ATOM   627 O O   . HIS A 1 76 ? -5.525  -10.101 12.952  1.00 17.47 ? 76  HIS A O   1 
ATOM   628 C CB  . HIS A 1 76 ? -5.684  -7.379  11.223  1.00 15.48 ? 76  HIS A CB  1 
ATOM   629 C CG  . HIS A 1 76 ? -7.092  -7.055  10.803  1.00 14.43 ? 76  HIS A CG  1 
ATOM   630 N ND1 . HIS A 1 76 ? -8.019  -8.029  10.495  1.00 13.83 ? 76  HIS A ND1 1 
ATOM   631 C CD2 . HIS A 1 76 ? -7.737  -5.869  10.677  1.00 11.90 ? 76  HIS A CD2 1 
ATOM   632 C CE1 . HIS A 1 76 ? -9.171  -7.461  10.201  1.00 10.52 ? 76  HIS A CE1 1 
ATOM   633 N NE2 . HIS A 1 76 ? -9.027  -6.152  10.305  1.00 11.75 ? 76  HIS A NE2 1 
ATOM   634 N N   . VAL A 1 77 ? -7.524  -9.107  13.148  1.00 22.14 ? 77  VAL A N   1 
ATOM   635 C CA  . VAL A 1 77 ? -8.134  -10.430 13.361  1.00 27.02 ? 77  VAL A CA  1 
ATOM   636 C C   . VAL A 1 77 ? -8.011  -11.445 12.215  1.00 28.06 ? 77  VAL A C   1 
ATOM   637 O O   . VAL A 1 77 ? -7.742  -12.597 12.597  1.00 29.39 ? 77  VAL A O   1 
ATOM   638 C CB  . VAL A 1 77 ? -9.609  -10.422 13.743  1.00 27.41 ? 77  VAL A CB  1 
ATOM   639 C CG1 . VAL A 1 77 ? -9.818  -11.581 14.707  1.00 23.87 ? 77  VAL A CG1 1 
ATOM   640 C CG2 . VAL A 1 77 ? -10.061 -9.053  14.305  1.00 27.59 ? 77  VAL A CG2 1 
HETATM 641 O O   . HOH B 2 .  ? 10.061  1.191   1.962   1.00 8.93  ? 78  HOH A O   1 
HETATM 642 O O   . HOH B 2 .  ? -10.607 -1.243  7.127   1.00 18.07 ? 79  HOH A O   1 
HETATM 643 O O   . HOH B 2 .  ? 4.455   -9.356  3.524   1.00 16.75 ? 80  HOH A O   1 
HETATM 644 O O   . HOH B 2 .  ? -1.247  -8.924  -13.318 1.00 20.55 ? 81  HOH A O   1 
HETATM 645 O O   . HOH B 2 .  ? 6.954   -6.505  -4.739  1.00 24.15 ? 82  HOH A O   1 
HETATM 646 O O   . HOH B 2 .  ? -0.080  -0.752  -8.792  1.00 22.55 ? 83  HOH A O   1 
HETATM 647 O O   . HOH B 2 .  ? -1.982  11.570  -12.498 1.00 17.03 ? 84  HOH A O   1 
HETATM 648 O O   . HOH B 2 .  ? -1.739  13.625  3.929   1.00 37.23 ? 85  HOH A O   1 
HETATM 649 O O   . HOH B 2 .  ? 1.678   -6.707  9.482   1.00 28.57 ? 86  HOH A O   1 
HETATM 650 O O   . HOH B 2 .  ? 0.213   10.663  7.574   1.00 28.72 ? 87  HOH A O   1 
HETATM 651 O O   . HOH B 2 .  ? -6.304  -0.650  15.573  1.00 20.80 ? 88  HOH A O   1 
HETATM 652 O O   . HOH B 2 .  ? -8.586  -1.357  8.995   1.00 22.55 ? 89  HOH A O   1 
HETATM 653 O O   . HOH B 2 .  ? -6.140  7.250   -3.901  1.00 59.20 ? 90  HOH A O   1 
HETATM 654 O O   . HOH B 2 .  ? -0.196  2.883   16.620  1.00 33.58 ? 91  HOH A O   1 
HETATM 655 O O   . HOH B 2 .  ? -10.779 -1.379  -3.430  1.00 22.53 ? 92  HOH A O   1 
HETATM 656 O O   . HOH B 2 .  ? 2.906   7.594   -15.517 1.00 26.45 ? 93  HOH A O   1 
HETATM 657 O O   . HOH B 2 .  ? 7.115   -4.131  -6.216  1.00 37.57 ? 94  HOH A O   1 
HETATM 658 O O   . HOH B 2 .  ? 3.551   -12.215 10.819  1.00 39.61 ? 95  HOH A O   1 
HETATM 659 O O   . HOH B 2 .  ? 12.888  0.747   10.253  1.00 27.47 ? 96  HOH A O   1 
HETATM 660 O O   . HOH B 2 .  ? -4.318  -12.823 -10.012 1.00 9.88  ? 97  HOH A O   1 
HETATM 661 O O   . HOH B 2 .  ? 8.676   9.211   -2.472  1.00 11.49 ? 98  HOH A O   1 
HETATM 662 O O   . HOH B 2 .  ? -8.190  -12.836 -16.405 1.00 8.77  ? 99  HOH A O   1 
HETATM 663 O O   . HOH B 2 .  ? -0.522  0.857   4.773   1.00 6.83  ? 100 HOH A O   1 
HETATM 664 O O   . HOH B 2 .  ? 4.040   12.488  1.720   1.00 14.48 ? 101 HOH A O   1 
HETATM 665 O O   . HOH B 2 .  ? 1.967   -5.566  -7.422  1.00 10.57 ? 102 HOH A O   1 
HETATM 666 O O   . HOH B 2 .  ? -8.852  2.383   4.698   1.00 25.55 ? 103 HOH A O   1 
HETATM 667 O O   . HOH B 2 .  ? -0.967  1.849   -7.855  1.00 13.24 ? 104 HOH A O   1 
HETATM 668 O O   . HOH B 2 .  ? -2.263  -0.496  15.380  1.00 19.85 ? 105 HOH A O   1 
HETATM 669 O O   . HOH B 2 .  ? 7.897   -4.948  13.573  1.00 34.26 ? 106 HOH A O   1 
HETATM 670 O O   . HOH B 2 .  ? -3.917  8.756   6.324   1.00 10.61 ? 107 HOH A O   1 
HETATM 671 O O   . HOH B 2 .  ? 7.086   -3.435  -0.430  1.00 11.69 ? 108 HOH A O   1 
HETATM 672 O O   . HOH B 2 .  ? 7.842   8.119   -4.944  1.00 13.36 ? 109 HOH A O   1 
HETATM 673 O O   . HOH B 2 .  ? 5.738   2.577   13.461  1.00 16.81 ? 110 HOH A O   1 
HETATM 674 O O   . HOH B 2 .  ? 9.326   0.516   -0.695  1.00 17.18 ? 111 HOH A O   1 
HETATM 675 O O   . HOH B 2 .  ? -3.768  -8.014  -14.185 1.00 16.93 ? 112 HOH A O   1 
HETATM 676 O O   . HOH B 2 .  ? -5.211  9.669   -8.862  1.00 25.62 ? 113 HOH A O   1 
HETATM 677 O O   . HOH B 2 .  ? -2.343  2.987   -10.145 1.00 18.76 ? 114 HOH A O   1 
HETATM 678 O O   . HOH B 2 .  ? 0.775   8.321   10.010  1.00 21.99 ? 115 HOH A O   1 
HETATM 679 O O   . HOH B 2 .  ? -10.261 -13.561 -8.554  1.00 14.92 ? 116 HOH A O   1 
HETATM 680 O O   . HOH B 2 .  ? -5.624  -6.517  -12.526 1.00 12.13 ? 117 HOH A O   1 
HETATM 681 O O   . HOH B 2 .  ? -6.593  -13.461 -6.545  1.00 20.61 ? 118 HOH A O   1 
HETATM 682 O O   . HOH B 2 .  ? 5.980   4.894   9.617   1.00 17.98 ? 119 HOH A O   1 
HETATM 683 O O   . HOH B 2 .  ? 2.801   9.487   11.381  1.00 22.19 ? 120 HOH A O   1 
HETATM 684 O O   . HOH B 2 .  ? 10.293  -0.466  11.588  1.00 26.20 ? 121 HOH A O   1 
HETATM 685 O O   . HOH B 2 .  ? -6.483  -10.944 0.659   1.00 23.70 ? 122 HOH A O   1 
HETATM 686 O O   . HOH B 2 .  ? -3.742  -8.427  -11.433 1.00 30.79 ? 123 HOH A O   1 
HETATM 687 O O   . HOH B 2 .  ? -3.051  7.257   9.253   1.00 22.20 ? 124 HOH A O   1 
HETATM 688 O O   . HOH B 2 .  ? 10.419  -4.164  14.622  1.00 41.64 ? 125 HOH A O   1 
HETATM 689 O O   . HOH B 2 .  ? -8.134  -5.153  -13.512 1.00 30.99 ? 126 HOH A O   1 
HETATM 690 O O   . HOH B 2 .  ? -10.838 -4.015  9.735   1.00 21.78 ? 127 HOH A O   1 
HETATM 691 O O   . HOH B 2 .  ? -9.470  5.346   3.495   1.00 32.88 ? 128 HOH A O   1 
HETATM 692 O O   . HOH B 2 .  ? 9.585   8.014   -6.970  1.00 22.13 ? 129 HOH A O   1 
HETATM 693 O O   . HOH B 2 .  ? 6.655   7.368   -12.580 1.00 39.26 ? 130 HOH A O   1 
HETATM 694 O O   . HOH B 2 .  ? 2.230   5.065   15.428  1.00 36.52 ? 131 HOH A O   1 
HETATM 695 O O   . HOH B 2 .  ? -3.742  9.939   -2.778  1.00 24.00 ? 132 HOH A O   1 
HETATM 696 O O   . HOH B 2 .  ? -11.527 -3.435  5.750   1.00 12.92 ? 133 HOH A O   1 
HETATM 697 O O   . HOH B 2 .  ? -4.114  -10.373 5.387   1.00 17.86 ? 134 HOH A O   1 
HETATM 698 O O   . HOH B 2 .  ? -2.291  10.669  6.730   1.00 29.15 ? 135 HOH A O   1 
HETATM 699 O O   . HOH B 2 .  ? 8.395   -7.594  9.756   1.00 20.22 ? 136 HOH A O   1 
HETATM 700 O O   . HOH B 2 .  ? 8.165   5.724   6.623   1.00 23.88 ? 137 HOH A O   1 
HETATM 701 O O   . HOH B 2 .  ? -2.844  8.249   11.495  1.00 48.24 ? 138 HOH A O   1 
HETATM 702 O O   . HOH B 2 .  ? -8.683  0.576   -2.543  1.00 41.82 ? 139 HOH A O   1 
# 
